data_9ISR
#
_entry.id   9ISR
#
_cell.length_a   65.075
_cell.length_b   201.469
_cell.length_c   240.021
_cell.angle_alpha   90.00
_cell.angle_beta   90.00
_cell.angle_gamma   90.00
#
_symmetry.space_group_name_H-M   'C 2 2 21'
#
loop_
_entity.id
_entity.type
_entity.pdbx_description
1 polymer 'C-1-tetrahydrofolate synthase, cytoplasmic, N-terminally processed'
2 non-polymer '(2~{S})-2-[[4-[[2,4-bis(azanyl)-6-oxidanylidene-1~{H}-pyrimidin-5-yl]carbamoylamino]-3-chloranyl-phenyl]carbonylamino]-4-(1~{H}-1,2,3,4-tetrazol-5-yl)butanoic acid'
3 non-polymer 'NADP NICOTINAMIDE-ADENINE-DINUCLEOTIDE PHOSPHATE'
4 water water
#
_entity_poly.entity_id   1
_entity_poly.type   'polypeptide(L)'
_entity_poly.pdbx_seq_one_letter_code
;APAEILNGKEISAQIRARLKNQVTQLKEQVPGFTPRLAILQVGNRDDSNLYINVKLKAAEEIGIKATHIKLPRTTTESEV
MKYITSLNEDSTVHGFLVQLPLDSENSINTEEVINAIAPEKDVDGLTSINAGRLARGDLNDCFIPCTPKGCLELIKETGV
PIAGRHAVVVGRSKIVGAPMHDLLLWNNATVTTCHSKTAHLDEEVNKGDILVVATGQPEMVKGEWIKPGAIVIDCGINYV
PDDKKPNGRKVVGDVAYDEAKERASFITPVPGGVGPMTVAMLMQSTVESAKRFLEKFKPGLEHHHHHH
;
_entity_poly.pdbx_strand_id   A,B,C,D
#
loop_
_chem_comp.id
_chem_comp.type
_chem_comp.name
_chem_comp.formula
A1L24 non-polymer '(2~{S})-2-[[4-[[2,4-bis(azanyl)-6-oxidanylidene-1~{H}-pyrimidin-5-yl]carbamoylamino]-3-chloranyl-phenyl]carbonylamino]-4-(1~{H}-1,2,3,4-tetrazol-5-yl)butanoic acid' 'C17 H18 Cl N11 O5'
NAP non-polymer 'NADP NICOTINAMIDE-ADENINE-DINUCLEOTIDE PHOSPHATE' 'C21 H28 N7 O17 P3'
#
# COMPACT_ATOMS: atom_id res chain seq x y z
N PRO A 2 -15.96 28.68 5.41
CA PRO A 2 -16.46 27.85 6.53
C PRO A 2 -17.08 26.53 6.06
N ALA A 3 -17.43 25.69 7.02
CA ALA A 3 -17.71 24.29 6.75
C ALA A 3 -19.19 24.03 6.53
N GLU A 4 -19.49 23.12 5.61
CA GLU A 4 -20.84 22.59 5.52
C GLU A 4 -21.23 21.96 6.84
N ILE A 5 -22.43 22.24 7.29
CA ILE A 5 -22.95 21.69 8.54
C ILE A 5 -23.59 20.35 8.24
N LEU A 6 -23.28 19.35 9.05
CA LEU A 6 -23.91 18.04 8.93
C LEU A 6 -25.17 18.05 9.79
N ASN A 7 -26.34 17.87 9.17
CA ASN A 7 -27.63 18.02 9.91
C ASN A 7 -28.15 16.68 10.38
N GLY A 8 -27.96 16.37 11.67
CA GLY A 8 -28.51 15.12 12.20
C GLY A 8 -30.01 15.12 12.24
N LYS A 9 -30.62 16.28 12.46
CA LYS A 9 -32.11 16.38 12.51
C LYS A 9 -32.67 16.03 11.15
N GLU A 10 -32.08 16.56 10.09
CA GLU A 10 -32.56 16.30 8.71
C GLU A 10 -32.21 14.86 8.31
N ILE A 11 -30.95 14.47 8.47
CA ILE A 11 -30.56 13.13 8.04
C ILE A 11 -31.26 12.07 8.89
N SER A 12 -31.39 12.32 10.21
CA SER A 12 -32.08 11.33 11.04
C SER A 12 -33.57 11.28 10.73
N ALA A 13 -34.18 12.43 10.46
CA ALA A 13 -35.60 12.43 10.07
C ALA A 13 -35.83 11.66 8.77
N GLN A 14 -34.89 11.77 7.82
CA GLN A 14 -34.93 10.91 6.64
C GLN A 14 -34.86 9.43 7.01
N ILE A 15 -33.97 9.06 7.94
CA ILE A 15 -33.77 7.65 8.26
C ILE A 15 -34.99 7.08 8.96
N ARG A 16 -35.48 7.79 9.98
CA ARG A 16 -36.69 7.34 10.68
C ARG A 16 -37.84 7.12 9.70
N ALA A 17 -37.98 8.02 8.72
CA ALA A 17 -39.04 7.89 7.74
C ALA A 17 -38.89 6.61 6.92
N ARG A 18 -37.67 6.31 6.46
CA ARG A 18 -37.48 5.08 5.70
C ARG A 18 -37.71 3.86 6.56
N LEU A 19 -37.31 3.93 7.84
CA LEU A 19 -37.65 2.86 8.78
C LEU A 19 -39.16 2.65 8.84
N LYS A 20 -39.90 3.74 9.06
CA LYS A 20 -41.35 3.72 9.10
C LYS A 20 -41.95 2.89 7.97
N ASN A 21 -41.57 3.22 6.72
CA ASN A 21 -42.13 2.54 5.56
C ASN A 21 -41.75 1.07 5.50
N GLN A 22 -40.53 0.75 5.92
CA GLN A 22 -40.12 -0.64 6.01
C GLN A 22 -41.01 -1.43 6.97
N VAL A 23 -41.31 -0.83 8.13
CA VAL A 23 -42.18 -1.50 9.10
C VAL A 23 -43.59 -1.66 8.55
N THR A 24 -44.13 -0.59 7.96
CA THR A 24 -45.42 -0.64 7.28
C THR A 24 -45.49 -1.78 6.26
N GLN A 25 -44.45 -1.98 5.47
CA GLN A 25 -44.52 -3.02 4.42
C GLN A 25 -44.38 -4.40 5.07
N LEU A 26 -43.53 -4.50 6.10
CA LEU A 26 -43.40 -5.77 6.80
C LEU A 26 -44.74 -6.18 7.41
N LYS A 27 -45.42 -5.23 8.05
CA LYS A 27 -46.73 -5.49 8.64
C LYS A 27 -47.75 -5.91 7.58
N GLU A 28 -47.68 -5.33 6.38
CA GLU A 28 -48.53 -5.76 5.25
C GLU A 28 -48.25 -7.21 4.88
N GLN A 29 -46.98 -7.56 4.69
CA GLN A 29 -46.62 -8.94 4.30
C GLN A 29 -46.82 -9.91 5.47
N VAL A 30 -46.49 -9.49 6.70
CA VAL A 30 -46.66 -10.36 7.91
C VAL A 30 -47.78 -9.79 8.76
N PRO A 31 -49.06 -10.06 8.42
CA PRO A 31 -50.18 -9.46 9.14
C PRO A 31 -50.12 -9.68 10.66
N GLY A 32 -50.12 -8.61 11.44
CA GLY A 32 -50.17 -8.76 12.89
C GLY A 32 -48.81 -8.96 13.52
N PHE A 33 -47.76 -8.57 12.81
CA PHE A 33 -46.41 -8.68 13.35
C PHE A 33 -45.80 -7.29 13.45
N THR A 34 -45.19 -6.99 14.60
CA THR A 34 -44.60 -5.69 14.77
C THR A 34 -43.28 -5.79 15.52
N PRO A 35 -42.29 -4.99 15.13
CA PRO A 35 -41.03 -4.94 15.88
C PRO A 35 -41.23 -4.44 17.30
N ARG A 36 -40.49 -5.06 18.23
CA ARG A 36 -40.66 -4.82 19.66
C ARG A 36 -39.32 -4.62 20.33
N LEU A 37 -39.11 -3.44 20.93
CA LEU A 37 -37.92 -3.08 21.69
C LEU A 37 -38.27 -2.94 23.17
N ALA A 38 -37.26 -3.07 24.03
CA ALA A 38 -37.46 -2.90 25.46
C ALA A 38 -36.26 -2.17 26.05
N ILE A 39 -36.51 -1.15 26.88
CA ILE A 39 -35.46 -0.32 27.47
C ILE A 39 -35.48 -0.54 28.99
N LEU A 40 -34.47 -1.26 29.51
CA LEU A 40 -34.28 -1.41 30.95
C LEU A 40 -33.50 -0.23 31.50
N GLN A 41 -33.98 0.35 32.60
CA GLN A 41 -33.27 1.40 33.31
C GLN A 41 -33.14 1.01 34.78
N VAL A 42 -32.08 1.49 35.43
CA VAL A 42 -31.92 1.37 36.88
C VAL A 42 -31.67 2.76 37.43
N GLY A 43 -32.43 3.14 38.45
CA GLY A 43 -32.24 4.45 39.03
C GLY A 43 -33.11 5.48 38.37
N ASN A 44 -32.88 6.74 38.75
CA ASN A 44 -33.75 7.85 38.36
C ASN A 44 -32.96 9.04 37.84
N ARG A 45 -31.80 8.78 37.24
CA ARG A 45 -31.01 9.81 36.60
C ARG A 45 -31.87 10.60 35.61
N ASP A 46 -31.83 11.93 35.73
CA ASP A 46 -32.65 12.78 34.87
C ASP A 46 -32.23 12.64 33.42
N ASP A 47 -30.94 12.79 33.14
CA ASP A 47 -30.47 12.76 31.73
C ASP A 47 -30.91 11.45 31.07
N SER A 48 -30.85 10.35 31.80
CA SER A 48 -31.27 9.03 31.25
C SER A 48 -32.76 9.08 30.90
N ASN A 49 -33.58 9.67 31.77
CA ASN A 49 -34.99 9.80 31.46
C ASN A 49 -35.17 10.65 30.21
N LEU A 50 -34.42 11.74 30.08
CA LEU A 50 -34.50 12.52 28.85
C LEU A 50 -34.28 11.64 27.61
N TYR A 51 -33.11 10.98 27.52
CA TYR A 51 -32.77 10.22 26.30
C TYR A 51 -33.66 9.00 26.10
N ILE A 52 -34.14 8.40 27.19
CA ILE A 52 -35.01 7.24 27.04
C ILE A 52 -36.35 7.66 26.45
N ASN A 53 -36.84 8.83 26.83
CA ASN A 53 -38.07 9.33 26.23
C ASN A 53 -37.86 9.56 24.74
N VAL A 54 -36.73 10.18 24.38
CA VAL A 54 -36.41 10.49 22.99
C VAL A 54 -36.48 9.23 22.14
N LYS A 55 -35.95 8.13 22.67
CA LYS A 55 -35.99 6.86 21.94
C LYS A 55 -37.42 6.32 21.83
N LEU A 56 -38.19 6.39 22.93
CA LEU A 56 -39.57 5.92 22.93
C LEU A 56 -40.41 6.67 21.89
N LYS A 57 -40.28 7.99 21.85
CA LYS A 57 -40.99 8.77 20.84
C LYS A 57 -40.63 8.30 19.44
N ALA A 58 -39.33 8.23 19.15
CA ALA A 58 -38.89 7.80 17.83
C ALA A 58 -39.47 6.43 17.47
N ALA A 59 -39.46 5.48 18.41
CA ALA A 59 -40.00 4.15 18.12
C ALA A 59 -41.49 4.21 17.84
N GLU A 60 -42.19 5.09 18.55
CA GLU A 60 -43.61 5.24 18.30
C GLU A 60 -43.84 5.88 16.92
N GLU A 61 -42.95 6.78 16.50
CA GLU A 61 -43.02 7.35 15.16
C GLU A 61 -42.90 6.26 14.09
N ILE A 62 -41.91 5.37 14.23
CA ILE A 62 -41.65 4.33 13.23
C ILE A 62 -42.68 3.21 13.29
N GLY A 63 -43.45 3.13 14.38
CA GLY A 63 -44.27 1.97 14.60
C GLY A 63 -43.56 0.84 15.28
N ILE A 64 -42.58 1.14 16.15
CA ILE A 64 -41.90 0.14 16.96
C ILE A 64 -42.52 0.16 18.34
N LYS A 65 -43.03 -0.99 18.80
CA LYS A 65 -43.58 -1.07 20.14
C LYS A 65 -42.44 -1.04 21.16
N ALA A 66 -42.39 -0.01 21.99
CA ALA A 66 -41.26 0.20 22.90
C ALA A 66 -41.74 0.22 24.35
N THR A 67 -41.26 -0.76 25.10
CA THR A 67 -41.57 -0.84 26.56
C THR A 67 -40.39 -0.33 27.37
N HIS A 68 -40.67 0.37 28.47
CA HIS A 68 -39.67 0.98 29.34
C HIS A 68 -39.88 0.44 30.75
N ILE A 69 -38.92 -0.34 31.24
CA ILE A 69 -38.97 -0.85 32.61
C ILE A 69 -37.93 -0.06 33.40
N LYS A 70 -38.37 0.57 34.48
CA LYS A 70 -37.52 1.38 35.35
C LYS A 70 -37.47 0.81 36.78
N LEU A 71 -36.44 0.07 37.06
CA LEU A 71 -36.10 -0.47 38.35
C LEU A 71 -35.58 0.63 39.30
N PRO A 72 -35.87 0.53 40.60
CA PRO A 72 -35.48 1.59 41.54
C PRO A 72 -33.98 1.63 41.80
N ARG A 73 -33.54 2.78 42.32
CA ARG A 73 -32.12 2.98 42.57
C ARG A 73 -31.51 1.93 43.49
N THR A 74 -32.32 1.13 44.18
CA THR A 74 -31.83 0.19 45.17
C THR A 74 -31.89 -1.27 44.72
N THR A 75 -32.11 -1.54 43.44
CA THR A 75 -32.27 -2.95 43.09
C THR A 75 -30.97 -3.72 43.31
N THR A 76 -31.10 -5.04 43.35
CA THR A 76 -29.97 -5.92 43.46
C THR A 76 -29.53 -6.35 42.08
N GLU A 77 -28.24 -6.71 41.97
CA GLU A 77 -27.76 -7.28 40.72
C GLU A 77 -28.60 -8.48 40.32
N SER A 78 -28.91 -9.37 41.29
CA SER A 78 -29.75 -10.53 40.98
C SER A 78 -31.12 -10.12 40.50
N GLU A 79 -31.57 -8.91 40.82
CA GLU A 79 -32.88 -8.47 40.33
C GLU A 79 -32.84 -8.15 38.84
N VAL A 80 -31.89 -7.31 38.44
CA VAL A 80 -31.76 -6.98 37.02
C VAL A 80 -31.57 -8.24 36.21
N MET A 81 -30.91 -9.25 36.78
CA MET A 81 -30.75 -10.51 36.05
C MET A 81 -32.08 -11.20 35.82
N LYS A 82 -33.01 -11.10 36.78
CA LYS A 82 -34.32 -11.68 36.57
C LYS A 82 -35.00 -11.05 35.36
N TYR A 83 -34.99 -9.72 35.26
CA TYR A 83 -35.60 -9.05 34.12
C TYR A 83 -34.88 -9.38 32.82
N ILE A 84 -33.55 -9.17 32.81
CA ILE A 84 -32.73 -9.49 31.66
C ILE A 84 -33.03 -10.90 31.16
N THR A 85 -33.16 -11.86 32.07
CA THR A 85 -33.46 -13.23 31.67
C THR A 85 -34.87 -13.35 31.07
N SER A 86 -35.84 -12.67 31.65
CA SER A 86 -37.18 -12.72 31.07
C SER A 86 -37.16 -12.11 29.67
N LEU A 87 -36.55 -10.93 29.52
CA LEU A 87 -36.42 -10.29 28.22
C LEU A 87 -35.74 -11.22 27.21
N ASN A 88 -34.71 -11.96 27.64
CA ASN A 88 -34.04 -12.91 26.76
C ASN A 88 -35.00 -14.01 26.31
N GLU A 89 -35.77 -14.56 27.26
CA GLU A 89 -36.66 -15.68 26.98
C GLU A 89 -37.96 -15.28 26.29
N ASP A 90 -38.32 -14.00 26.31
CA ASP A 90 -39.57 -13.55 25.71
C ASP A 90 -39.42 -13.49 24.19
N SER A 91 -40.14 -14.38 23.49
CA SER A 91 -39.99 -14.40 22.03
C SER A 91 -40.66 -13.21 21.35
N THR A 92 -41.51 -12.44 22.02
CA THR A 92 -42.12 -11.29 21.37
C THR A 92 -41.25 -10.03 21.48
N VAL A 93 -40.06 -10.14 22.03
CA VAL A 93 -39.11 -9.04 22.12
C VAL A 93 -37.98 -9.32 21.14
N HIS A 94 -37.77 -8.43 20.19
CA HIS A 94 -36.70 -8.64 19.18
C HIS A 94 -35.35 -8.09 19.69
N GLY A 95 -35.35 -6.89 20.27
CA GLY A 95 -34.13 -6.37 20.85
C GLY A 95 -34.44 -5.67 22.16
N PHE A 96 -33.38 -5.45 22.95
CA PHE A 96 -33.54 -4.62 24.15
C PHE A 96 -32.18 -4.10 24.62
N LEU A 97 -32.26 -3.09 25.46
CA LEU A 97 -31.03 -2.48 25.98
C LEU A 97 -31.18 -2.02 27.42
N VAL A 98 -30.05 -1.83 28.08
CA VAL A 98 -29.98 -1.31 29.43
C VAL A 98 -29.37 0.07 29.32
N GLN A 99 -30.14 1.11 29.59
CA GLN A 99 -29.57 2.44 29.55
C GLN A 99 -28.43 2.54 30.56
N LEU A 100 -27.30 3.09 30.13
CA LEU A 100 -26.15 3.27 31.02
C LEU A 100 -25.95 4.74 31.35
N PRO A 101 -25.31 5.06 32.48
CA PRO A 101 -24.80 4.18 33.55
C PRO A 101 -25.88 3.77 34.55
N LEU A 102 -25.77 2.56 35.11
CA LEU A 102 -26.68 2.12 36.16
C LEU A 102 -26.58 3.05 37.37
N ASP A 103 -27.72 3.54 37.84
CA ASP A 103 -27.78 4.38 39.03
C ASP A 103 -28.29 3.51 40.18
N SER A 104 -27.35 2.92 40.93
CA SER A 104 -27.70 1.98 42.00
C SER A 104 -27.03 2.36 43.31
N GLU A 105 -27.69 2.00 44.41
CA GLU A 105 -27.05 2.11 45.71
C GLU A 105 -26.08 0.94 45.94
N ASN A 106 -26.51 -0.27 45.58
CA ASN A 106 -25.64 -1.44 45.66
C ASN A 106 -24.69 -1.47 44.47
N SER A 107 -23.43 -1.77 44.76
CA SER A 107 -22.45 -1.92 43.69
C SER A 107 -22.87 -3.09 42.79
N ILE A 108 -23.08 -2.81 41.51
CA ILE A 108 -23.61 -3.79 40.56
C ILE A 108 -22.67 -3.85 39.35
N ASN A 109 -22.25 -5.05 39.00
CA ASN A 109 -21.29 -5.26 37.90
C ASN A 109 -21.98 -4.97 36.58
N THR A 110 -21.73 -3.77 36.03
CA THR A 110 -22.25 -3.43 34.70
C THR A 110 -21.88 -4.49 33.68
N GLU A 111 -20.64 -4.98 33.74
CA GLU A 111 -20.17 -5.95 32.77
C GLU A 111 -20.99 -7.24 32.84
N GLU A 112 -21.24 -7.76 34.04
CA GLU A 112 -22.02 -8.99 34.12
C GLU A 112 -23.47 -8.75 33.71
N VAL A 113 -24.01 -7.58 34.08
CA VAL A 113 -25.34 -7.20 33.66
C VAL A 113 -25.42 -7.13 32.14
N ILE A 114 -24.50 -6.39 31.53
CA ILE A 114 -24.51 -6.15 30.09
C ILE A 114 -24.33 -7.47 29.33
N ASN A 115 -23.51 -8.37 29.85
CA ASN A 115 -23.18 -9.60 29.14
C ASN A 115 -24.17 -10.72 29.38
N ALA A 116 -25.21 -10.49 30.18
CA ALA A 116 -26.30 -11.47 30.20
C ALA A 116 -27.25 -11.28 29.02
N ILE A 117 -27.22 -10.12 28.35
CA ILE A 117 -28.12 -9.86 27.24
C ILE A 117 -27.80 -10.83 26.12
N ALA A 118 -28.82 -11.48 25.57
CA ALA A 118 -28.59 -12.34 24.43
C ALA A 118 -27.98 -11.53 23.30
N PRO A 119 -26.92 -12.01 22.65
CA PRO A 119 -26.35 -11.26 21.53
C PRO A 119 -27.35 -10.97 20.41
N GLU A 120 -28.29 -11.90 20.14
CA GLU A 120 -29.27 -11.72 19.07
C GLU A 120 -30.19 -10.53 19.31
N LYS A 121 -30.24 -10.04 20.56
CA LYS A 121 -31.10 -8.93 20.95
C LYS A 121 -30.33 -7.69 21.41
N ASP A 122 -28.99 -7.73 21.41
CA ASP A 122 -28.17 -6.65 21.94
C ASP A 122 -28.05 -5.53 20.89
N VAL A 123 -29.20 -4.96 20.55
CA VAL A 123 -29.28 -3.90 19.55
C VAL A 123 -28.43 -2.70 19.91
N ASP A 124 -27.84 -2.70 21.08
CA ASP A 124 -26.92 -1.65 21.45
C ASP A 124 -25.47 -2.04 21.21
N GLY A 125 -25.23 -3.28 20.79
CA GLY A 125 -23.88 -3.76 20.54
C GLY A 125 -22.95 -3.69 21.72
N LEU A 126 -23.46 -3.83 22.93
CA LEU A 126 -22.61 -3.69 24.10
C LEU A 126 -22.14 -5.01 24.69
N THR A 127 -22.65 -6.16 24.23
CA THR A 127 -22.15 -7.43 24.71
C THR A 127 -20.73 -7.71 24.20
N SER A 128 -19.94 -8.41 25.03
CA SER A 128 -18.56 -8.75 24.68
C SER A 128 -18.47 -9.53 23.37
N ILE A 129 -19.44 -10.40 23.10
CA ILE A 129 -19.50 -11.16 21.85
C ILE A 129 -19.65 -10.22 20.65
N ASN A 130 -20.51 -9.20 20.76
CA ASN A 130 -20.65 -8.27 19.65
C ASN A 130 -19.46 -7.33 19.56
N ALA A 131 -18.85 -6.98 20.71
CA ALA A 131 -17.70 -6.10 20.67
C ALA A 131 -16.51 -6.76 19.97
N GLY A 132 -16.30 -8.05 20.21
CA GLY A 132 -15.17 -8.74 19.62
C GLY A 132 -15.35 -9.07 18.15
N ARG A 133 -16.59 -9.19 17.69
CA ARG A 133 -16.82 -9.35 16.26
C ARG A 133 -16.44 -8.09 15.51
N LEU A 134 -16.98 -6.95 15.95
CA LEU A 134 -16.64 -5.67 15.35
C LEU A 134 -15.15 -5.39 15.48
N ALA A 135 -14.58 -5.67 16.66
CA ALA A 135 -13.19 -5.27 16.87
C ALA A 135 -12.21 -6.13 16.07
N ARG A 136 -12.67 -7.21 15.46
CA ARG A 136 -11.82 -8.03 14.60
C ARG A 136 -12.35 -8.11 13.16
N GLY A 137 -13.23 -7.19 12.76
CA GLY A 137 -13.55 -7.02 11.36
C GLY A 137 -14.76 -7.79 10.86
N ASP A 138 -15.35 -8.69 11.65
CA ASP A 138 -16.52 -9.49 11.24
C ASP A 138 -17.82 -8.68 11.41
N LEU A 139 -18.02 -7.72 10.50
CA LEU A 139 -19.10 -6.73 10.70
C LEU A 139 -20.49 -7.24 10.35
N ASN A 140 -20.61 -8.32 9.58
CA ASN A 140 -21.94 -8.85 9.31
C ASN A 140 -22.48 -9.56 10.53
N ASP A 141 -21.59 -10.14 11.32
CA ASP A 141 -21.95 -11.00 12.44
C ASP A 141 -22.77 -10.28 13.52
N CYS A 142 -22.67 -8.95 13.65
CA CYS A 142 -23.03 -8.34 14.92
C CYS A 142 -23.89 -7.09 14.76
N PHE A 143 -24.38 -6.63 15.91
CA PHE A 143 -24.95 -5.30 16.09
C PHE A 143 -23.82 -4.34 16.42
N ILE A 144 -23.63 -3.33 15.58
CA ILE A 144 -22.66 -2.29 15.88
C ILE A 144 -23.32 -1.30 16.84
N PRO A 145 -22.60 -0.77 17.83
CA PRO A 145 -23.22 0.21 18.74
C PRO A 145 -23.72 1.45 18.02
N CYS A 146 -24.82 1.98 18.54
CA CYS A 146 -25.64 2.91 17.76
C CYS A 146 -24.97 4.23 17.50
N THR A 147 -24.26 4.78 18.48
CA THR A 147 -23.58 6.06 18.22
C THR A 147 -22.50 5.92 17.16
N PRO A 148 -21.52 5.01 17.25
CA PRO A 148 -20.57 4.87 16.14
C PRO A 148 -21.27 4.63 14.82
N LYS A 149 -22.40 3.92 14.83
CA LYS A 149 -23.16 3.75 13.57
C LYS A 149 -23.60 5.11 13.05
N GLY A 150 -24.02 6.04 13.90
CA GLY A 150 -24.56 7.32 13.38
C GLY A 150 -23.46 8.27 12.96
N CYS A 151 -22.30 8.14 13.58
CA CYS A 151 -21.14 8.98 13.21
C CYS A 151 -20.62 8.51 11.85
N LEU A 152 -20.75 7.22 11.57
CA LEU A 152 -20.30 6.66 10.28
C LEU A 152 -21.27 7.12 9.21
N GLU A 153 -22.55 7.08 9.53
CA GLU A 153 -23.52 7.61 8.58
C GLU A 153 -23.25 9.10 8.30
N LEU A 154 -22.93 9.88 9.32
CA LEU A 154 -22.68 11.29 9.11
C LEU A 154 -21.42 11.52 8.27
N ILE A 155 -20.32 10.84 8.61
CA ILE A 155 -19.10 11.00 7.83
C ILE A 155 -19.38 10.70 6.35
N LYS A 156 -20.12 9.62 6.07
CA LYS A 156 -20.44 9.29 4.69
C LYS A 156 -21.31 10.33 4.01
N GLU A 157 -21.96 11.23 4.76
CA GLU A 157 -22.79 12.25 4.12
C GLU A 157 -21.94 13.30 3.43
N THR A 158 -20.64 13.35 3.76
CA THR A 158 -19.72 14.23 3.05
C THR A 158 -19.47 13.76 1.61
N GLY A 159 -19.61 12.47 1.36
CA GLY A 159 -19.28 11.92 0.07
C GLY A 159 -17.80 11.67 -0.18
N VAL A 160 -16.93 11.99 0.78
CA VAL A 160 -15.50 11.72 0.65
C VAL A 160 -15.22 10.33 1.21
N PRO A 161 -14.70 9.40 0.39
CA PRO A 161 -14.42 8.05 0.90
C PRO A 161 -13.56 8.12 2.16
N ILE A 162 -13.79 7.16 3.06
CA ILE A 162 -13.02 7.10 4.30
C ILE A 162 -11.64 6.46 4.07
N ALA A 163 -11.52 5.57 3.08
CA ALA A 163 -10.31 4.77 2.94
C ALA A 163 -9.08 5.67 2.75
N GLY A 164 -7.95 5.23 3.30
CA GLY A 164 -6.70 5.92 3.16
C GLY A 164 -6.58 7.20 3.96
N ARG A 165 -7.64 7.63 4.62
CA ARG A 165 -7.64 8.86 5.41
C ARG A 165 -7.18 8.60 6.84
N HIS A 166 -6.60 9.62 7.46
CA HIS A 166 -6.21 9.53 8.85
C HIS A 166 -7.36 10.00 9.74
N ALA A 167 -7.85 9.11 10.60
CA ALA A 167 -8.90 9.41 11.55
C ALA A 167 -8.33 9.41 12.96
N VAL A 168 -8.71 10.42 13.74
CA VAL A 168 -8.30 10.59 15.12
C VAL A 168 -9.56 10.47 15.95
N VAL A 169 -9.65 9.41 16.75
CA VAL A 169 -10.76 9.16 17.65
C VAL A 169 -10.29 9.54 19.05
N VAL A 170 -10.94 10.53 19.65
CA VAL A 170 -10.57 11.03 20.97
C VAL A 170 -11.55 10.46 21.98
N GLY A 171 -11.06 9.61 22.85
CA GLY A 171 -11.94 8.89 23.76
C GLY A 171 -11.96 7.40 23.41
N ARG A 172 -12.06 6.58 24.45
CA ARG A 172 -11.97 5.13 24.25
C ARG A 172 -13.05 4.36 25.01
N SER A 173 -14.12 5.04 25.44
CA SER A 173 -15.21 4.40 26.16
C SER A 173 -15.77 3.21 25.40
N LYS A 174 -16.41 2.31 26.13
CA LYS A 174 -17.04 1.13 25.57
C LYS A 174 -18.20 1.48 24.64
N ILE A 175 -18.77 2.67 24.78
CA ILE A 175 -20.02 3.02 24.14
C ILE A 175 -19.80 3.87 22.89
N VAL A 176 -18.82 4.74 22.92
CA VAL A 176 -18.56 5.58 21.76
C VAL A 176 -17.15 5.39 21.21
N GLY A 177 -16.15 5.81 21.98
CA GLY A 177 -14.77 5.84 21.56
C GLY A 177 -14.22 4.56 20.98
N ALA A 178 -14.18 3.47 21.78
CA ALA A 178 -13.60 2.23 21.28
C ALA A 178 -14.33 1.68 20.05
N PRO A 179 -15.63 1.45 20.05
CA PRO A 179 -16.26 1.00 18.79
C PRO A 179 -16.10 1.98 17.64
N MET A 180 -15.83 3.26 17.90
CA MET A 180 -15.65 4.17 16.77
C MET A 180 -14.34 3.89 16.06
N HIS A 181 -13.31 3.53 16.81
CA HIS A 181 -12.04 3.18 16.17
C HIS A 181 -12.18 1.93 15.30
N ASP A 182 -12.89 0.93 15.80
CA ASP A 182 -13.12 -0.29 15.04
C ASP A 182 -13.84 0.00 13.73
N LEU A 183 -14.90 0.82 13.79
CA LEU A 183 -15.68 1.10 12.59
C LEU A 183 -14.84 1.79 11.54
N LEU A 184 -14.04 2.79 11.94
CA LEU A 184 -13.22 3.50 10.99
C LEU A 184 -12.11 2.61 10.45
N LEU A 185 -11.54 1.74 11.29
CA LEU A 185 -10.47 0.85 10.84
C LEU A 185 -10.98 -0.15 9.81
N TRP A 186 -12.16 -0.72 10.01
CA TRP A 186 -12.67 -1.61 8.98
C TRP A 186 -13.38 -0.86 7.87
N ASN A 187 -13.42 0.47 7.94
CA ASN A 187 -13.63 1.27 6.75
C ASN A 187 -12.32 1.70 6.10
N ASN A 188 -11.20 1.13 6.56
CA ASN A 188 -9.87 1.29 5.98
C ASN A 188 -9.30 2.68 6.22
N ALA A 189 -9.69 3.32 7.31
CA ALA A 189 -8.95 4.50 7.69
C ALA A 189 -7.68 4.09 8.42
N THR A 190 -6.75 5.03 8.52
CA THR A 190 -5.63 4.89 9.42
C THR A 190 -6.03 5.61 10.69
N VAL A 191 -6.09 4.89 11.81
CA VAL A 191 -6.81 5.39 12.97
C VAL A 191 -5.86 5.55 14.12
N THR A 192 -5.88 6.74 14.75
CA THR A 192 -5.16 7.06 15.98
C THR A 192 -6.14 7.29 17.13
N THR A 193 -5.95 6.57 18.24
CA THR A 193 -6.89 6.64 19.34
C THR A 193 -6.26 7.35 20.52
N CYS A 194 -6.97 8.35 21.01
CA CYS A 194 -6.53 9.23 22.06
C CYS A 194 -7.37 9.00 23.30
N HIS A 195 -6.84 9.43 24.44
CA HIS A 195 -7.44 9.20 25.74
C HIS A 195 -6.76 10.17 26.70
N SER A 196 -7.17 10.12 27.97
CA SER A 196 -6.71 11.09 28.95
C SER A 196 -5.21 10.99 29.26
N LYS A 197 -4.54 9.92 28.86
CA LYS A 197 -3.10 9.82 29.05
C LYS A 197 -2.29 10.29 27.85
N THR A 198 -2.95 10.64 26.75
CA THR A 198 -2.26 11.09 25.55
C THR A 198 -1.50 12.37 25.83
N ALA A 199 -0.28 12.43 25.34
CA ALA A 199 0.50 13.65 25.42
C ALA A 199 0.37 14.41 24.12
N HIS A 200 0.21 15.73 24.22
CA HIS A 200 0.12 16.60 23.04
C HIS A 200 -1.15 16.29 22.24
N LEU A 201 -2.31 16.34 22.93
CA LEU A 201 -3.58 16.08 22.25
C LEU A 201 -3.72 16.93 20.99
N ASP A 202 -3.22 18.18 21.05
CA ASP A 202 -3.36 19.13 19.95
C ASP A 202 -2.68 18.62 18.68
N GLU A 203 -1.50 18.01 18.81
CA GLU A 203 -0.78 17.51 17.66
C GLU A 203 -1.38 16.22 17.11
N GLU A 204 -1.95 15.39 17.98
CA GLU A 204 -2.66 14.23 17.49
C GLU A 204 -3.93 14.65 16.77
N VAL A 205 -4.65 15.63 17.34
CA VAL A 205 -5.87 16.10 16.69
C VAL A 205 -5.56 16.67 15.32
N ASN A 206 -4.45 17.41 15.21
CA ASN A 206 -4.07 18.04 13.96
C ASN A 206 -3.73 17.05 12.86
N LYS A 207 -3.53 15.78 13.19
CA LYS A 207 -3.34 14.74 12.18
C LYS A 207 -4.65 14.31 11.52
N GLY A 208 -5.80 14.72 12.06
CA GLY A 208 -7.08 14.13 11.72
C GLY A 208 -7.80 14.64 10.48
N ASP A 209 -7.73 13.86 9.39
CA ASP A 209 -8.63 14.05 8.25
C ASP A 209 -10.08 13.82 8.67
N ILE A 210 -10.31 12.81 9.51
CA ILE A 210 -11.60 12.54 10.15
C ILE A 210 -11.36 12.64 11.66
N LEU A 211 -12.18 13.41 12.37
CA LEU A 211 -11.98 13.65 13.80
C LEU A 211 -13.28 13.42 14.54
N VAL A 212 -13.27 12.49 15.50
CA VAL A 212 -14.44 12.11 16.28
C VAL A 212 -14.09 12.34 17.73
N VAL A 213 -14.92 13.10 18.43
CA VAL A 213 -14.57 13.48 19.79
C VAL A 213 -15.69 13.02 20.72
N ALA A 214 -15.31 12.23 21.72
CA ALA A 214 -16.20 11.64 22.72
C ALA A 214 -15.60 11.76 24.12
N THR A 215 -15.17 12.97 24.51
CA THR A 215 -14.51 13.15 25.80
C THR A 215 -15.48 13.40 26.94
N GLY A 216 -16.63 14.02 26.68
CA GLY A 216 -17.43 14.54 27.77
C GLY A 216 -16.79 15.69 28.50
N GLN A 217 -15.85 16.40 27.87
CA GLN A 217 -15.15 17.55 28.44
C GLN A 217 -15.51 18.79 27.64
N PRO A 218 -16.44 19.61 28.11
CA PRO A 218 -17.06 20.60 27.22
C PRO A 218 -16.04 21.47 26.49
N GLU A 219 -16.15 21.48 25.16
CA GLU A 219 -15.38 22.31 24.25
C GLU A 219 -13.87 22.14 24.41
N MET A 220 -13.43 21.00 24.94
CA MET A 220 -12.02 20.86 25.28
C MET A 220 -11.12 20.84 24.05
N VAL A 221 -11.60 20.30 22.93
CA VAL A 221 -10.83 20.27 21.69
C VAL A 221 -10.98 21.65 21.05
N LYS A 222 -9.99 22.50 21.24
CA LYS A 222 -9.98 23.81 20.58
C LYS A 222 -9.97 23.66 19.07
N GLY A 223 -10.59 24.60 18.36
CA GLY A 223 -10.68 24.56 16.89
C GLY A 223 -9.40 24.92 16.18
N GLU A 224 -8.40 25.36 16.93
CA GLU A 224 -7.09 25.73 16.33
C GLU A 224 -6.24 24.48 16.11
N TRP A 225 -6.64 23.35 16.71
CA TRP A 225 -5.96 22.08 16.48
C TRP A 225 -6.49 21.36 15.26
N ILE A 226 -7.73 21.66 14.85
CA ILE A 226 -8.36 20.97 13.74
C ILE A 226 -7.51 21.12 12.49
N LYS A 227 -7.25 20.00 11.82
CA LYS A 227 -6.57 20.06 10.53
C LYS A 227 -7.46 20.79 9.53
N PRO A 228 -6.92 21.73 8.75
CA PRO A 228 -7.77 22.52 7.85
C PRO A 228 -8.38 21.60 6.81
N GLY A 229 -9.70 21.72 6.64
CA GLY A 229 -10.46 20.83 5.78
C GLY A 229 -10.95 19.55 6.43
N ALA A 230 -10.76 19.37 7.74
CA ALA A 230 -11.13 18.12 8.40
C ALA A 230 -12.65 17.94 8.47
N ILE A 231 -13.08 16.68 8.54
CA ILE A 231 -14.47 16.32 8.83
C ILE A 231 -14.58 16.07 10.32
N VAL A 232 -15.39 16.86 11.02
CA VAL A 232 -15.40 16.90 12.47
C VAL A 232 -16.74 16.37 13.00
N ILE A 233 -16.69 15.31 13.80
CA ILE A 233 -17.84 14.73 14.47
C ILE A 233 -17.72 14.93 15.99
N ASP A 234 -18.66 15.69 16.58
CA ASP A 234 -18.68 16.00 18.01
C ASP A 234 -19.79 15.20 18.68
N CYS A 235 -19.42 14.23 19.50
CA CYS A 235 -20.39 13.39 20.17
C CYS A 235 -20.85 13.95 21.51
N GLY A 236 -20.21 15.01 21.99
CA GLY A 236 -20.51 15.50 23.31
C GLY A 236 -21.91 16.05 23.44
N ILE A 237 -22.44 15.96 24.67
CA ILE A 237 -23.64 16.64 25.11
C ILE A 237 -23.32 17.14 26.50
N ASN A 238 -23.03 18.43 26.63
CA ASN A 238 -22.55 18.99 27.90
C ASN A 238 -23.39 20.19 28.29
N TYR A 239 -24.13 20.06 29.38
CA TYR A 239 -24.90 21.16 29.93
C TYR A 239 -23.99 22.08 30.75
N VAL A 240 -24.07 23.38 30.49
CA VAL A 240 -23.20 24.36 31.14
C VAL A 240 -23.97 25.43 31.93
N LYS A 250 -27.03 25.73 28.78
CA LYS A 250 -27.24 25.30 27.39
C LYS A 250 -26.51 23.99 27.12
N VAL A 251 -26.56 23.52 25.88
CA VAL A 251 -25.90 22.28 25.45
C VAL A 251 -24.74 22.65 24.54
N VAL A 252 -23.55 22.12 24.86
CA VAL A 252 -22.38 22.24 23.97
C VAL A 252 -21.74 20.88 23.83
N GLY A 253 -20.84 20.77 22.85
CA GLY A 253 -20.15 19.53 22.57
C GLY A 253 -18.74 19.48 23.12
N ASP A 254 -18.01 18.46 22.67
CA ASP A 254 -16.64 18.22 23.10
C ASP A 254 -15.62 19.01 22.29
N VAL A 255 -16.07 19.78 21.29
CA VAL A 255 -15.22 20.52 20.37
C VAL A 255 -15.62 21.99 20.42
N ALA A 256 -14.65 22.90 20.31
CA ALA A 256 -14.92 24.33 20.26
C ALA A 256 -15.58 24.68 18.94
N TYR A 257 -16.92 24.74 18.94
CA TYR A 257 -17.66 24.78 17.67
C TYR A 257 -17.28 25.99 16.82
N ASP A 258 -17.17 27.16 17.43
CA ASP A 258 -16.96 28.38 16.65
C ASP A 258 -15.70 28.25 15.80
N GLU A 259 -14.55 28.17 16.46
CA GLU A 259 -13.30 28.19 15.72
C GLU A 259 -13.11 26.92 14.90
N ALA A 260 -13.75 25.81 15.30
CA ALA A 260 -13.69 24.59 14.50
C ALA A 260 -14.40 24.79 13.16
N LYS A 261 -15.56 25.45 13.17
CA LYS A 261 -16.32 25.64 11.93
C LYS A 261 -15.54 26.41 10.88
N GLU A 262 -14.61 27.28 11.31
CA GLU A 262 -13.83 28.05 10.35
C GLU A 262 -12.85 27.17 9.56
N ARG A 263 -12.35 26.08 10.16
CA ARG A 263 -11.29 25.27 9.52
C ARG A 263 -11.83 23.95 8.94
N ALA A 264 -12.92 23.44 9.50
CA ALA A 264 -13.46 22.16 9.03
C ALA A 264 -13.96 22.27 7.59
N SER A 265 -14.07 21.12 6.92
CA SER A 265 -14.89 21.06 5.71
C SER A 265 -16.32 20.65 6.01
N PHE A 266 -16.50 19.76 6.98
CA PHE A 266 -17.82 19.43 7.50
C PHE A 266 -17.75 19.41 9.01
N ILE A 267 -18.88 19.62 9.65
CA ILE A 267 -18.93 19.68 11.10
C ILE A 267 -20.36 19.43 11.53
N THR A 268 -20.50 18.79 12.68
CA THR A 268 -21.81 18.50 13.27
C THR A 268 -22.09 19.49 14.37
N PRO A 269 -23.28 20.09 14.39
CA PRO A 269 -23.64 20.95 15.51
C PRO A 269 -24.07 20.14 16.74
N VAL A 270 -23.82 20.73 17.90
CA VAL A 270 -24.34 20.27 19.18
C VAL A 270 -25.40 21.28 19.62
N PRO A 271 -26.67 20.89 19.71
CA PRO A 271 -27.22 19.56 19.46
C PRO A 271 -27.78 19.39 18.06
N GLY A 272 -28.56 18.34 17.83
CA GLY A 272 -28.99 18.01 16.49
C GLY A 272 -27.87 17.58 15.55
N GLY A 273 -26.85 16.93 16.09
CA GLY A 273 -25.80 16.33 15.28
C GLY A 273 -25.84 14.82 15.41
N VAL A 274 -24.93 14.26 16.24
CA VAL A 274 -24.89 12.82 16.47
C VAL A 274 -26.16 12.34 17.17
N GLY A 275 -26.72 13.16 18.08
CA GLY A 275 -27.81 12.80 18.95
C GLY A 275 -28.97 12.11 18.26
N PRO A 276 -29.66 12.81 17.36
CA PRO A 276 -30.77 12.14 16.66
C PRO A 276 -30.31 10.99 15.79
N MET A 277 -29.06 11.02 15.32
CA MET A 277 -28.55 9.86 14.58
C MET A 277 -28.40 8.65 15.48
N THR A 278 -27.97 8.87 16.72
CA THR A 278 -27.87 7.77 17.67
C THR A 278 -29.21 7.08 17.84
N VAL A 279 -30.25 7.86 18.11
CA VAL A 279 -31.57 7.29 18.33
C VAL A 279 -32.05 6.57 17.08
N ALA A 280 -31.76 7.13 15.90
CA ALA A 280 -32.25 6.54 14.65
C ALA A 280 -31.55 5.23 14.34
N MET A 281 -30.28 5.12 14.72
CA MET A 281 -29.54 3.91 14.46
C MET A 281 -29.99 2.76 15.34
N LEU A 282 -30.40 3.06 16.58
CA LEU A 282 -30.99 2.03 17.43
C LEU A 282 -32.32 1.57 16.87
N MET A 283 -33.10 2.51 16.33
CA MET A 283 -34.34 2.13 15.67
C MET A 283 -34.05 1.17 14.52
N GLN A 284 -33.04 1.49 13.70
CA GLN A 284 -32.69 0.64 12.56
C GLN A 284 -32.21 -0.73 13.00
N SER A 285 -31.38 -0.78 14.05
CA SER A 285 -30.96 -2.09 14.55
C SER A 285 -32.16 -2.90 15.03
N THR A 286 -33.12 -2.24 15.69
CA THR A 286 -34.32 -2.95 16.14
C THR A 286 -35.10 -3.54 14.96
N VAL A 287 -35.32 -2.74 13.92
CA VAL A 287 -36.00 -3.25 12.74
C VAL A 287 -35.21 -4.41 12.15
N GLU A 288 -33.87 -4.30 12.15
CA GLU A 288 -33.00 -5.41 11.78
C GLU A 288 -33.30 -6.68 12.59
N SER A 289 -33.37 -6.58 13.92
CA SER A 289 -33.65 -7.77 14.73
C SER A 289 -34.95 -8.44 14.31
N ALA A 290 -36.01 -7.63 14.13
CA ALA A 290 -37.32 -8.18 13.80
C ALA A 290 -37.31 -8.92 12.48
N LYS A 291 -36.73 -8.33 11.43
CA LYS A 291 -36.69 -9.00 10.13
C LYS A 291 -36.00 -10.35 10.23
N ARG A 292 -34.87 -10.41 10.94
CA ARG A 292 -34.17 -11.67 11.10
C ARG A 292 -35.03 -12.67 11.86
N PHE A 293 -35.82 -12.17 12.80
CA PHE A 293 -36.63 -13.09 13.65
C PHE A 293 -37.63 -13.86 12.79
N LEU A 294 -38.23 -13.20 11.79
CA LEU A 294 -39.21 -13.87 10.94
C LEU A 294 -38.62 -15.06 10.20
N GLU A 295 -37.34 -14.99 9.83
CA GLU A 295 -36.71 -16.13 9.16
C GLU A 295 -35.93 -17.03 10.13
N PRO B 2 23.98 2.72 18.07
CA PRO B 2 23.36 1.42 17.79
C PRO B 2 22.37 1.00 18.88
N ALA B 3 21.36 0.24 18.46
CA ALA B 3 20.28 -0.12 19.36
C ALA B 3 20.66 -1.33 20.20
N GLU B 4 20.10 -1.37 21.41
CA GLU B 4 20.26 -2.54 22.26
C GLU B 4 19.36 -3.66 21.77
N ILE B 5 19.91 -4.86 21.65
CA ILE B 5 19.14 -6.01 21.20
C ILE B 5 18.23 -6.48 22.32
N LEU B 6 16.96 -6.71 21.99
CA LEU B 6 16.04 -7.38 22.90
C LEU B 6 16.19 -8.88 22.64
N ASN B 7 16.97 -9.53 23.52
CA ASN B 7 17.34 -10.94 23.32
C ASN B 7 16.14 -11.82 23.65
N GLY B 8 15.34 -12.12 22.62
CA GLY B 8 14.13 -12.88 22.84
C GLY B 8 14.41 -14.32 23.23
N LYS B 9 15.40 -14.92 22.58
CA LYS B 9 15.79 -16.29 22.90
C LYS B 9 16.15 -16.41 24.36
N GLU B 10 16.97 -15.47 24.86
CA GLU B 10 17.35 -15.46 26.27
C GLU B 10 16.16 -15.21 27.18
N ILE B 11 15.41 -14.14 26.94
CA ILE B 11 14.35 -13.71 27.87
C ILE B 11 13.31 -14.81 28.08
N SER B 12 12.93 -15.53 27.00
CA SER B 12 11.96 -16.63 27.08
C SER B 12 12.46 -17.79 27.93
N ALA B 13 13.76 -18.13 27.82
CA ALA B 13 14.33 -19.16 28.69
C ALA B 13 14.00 -18.86 30.16
N GLN B 14 14.17 -17.61 30.57
CA GLN B 14 13.84 -17.22 31.93
C GLN B 14 12.38 -17.50 32.25
N ILE B 15 11.49 -17.20 31.29
CA ILE B 15 10.07 -17.47 31.50
C ILE B 15 9.81 -18.96 31.63
N ARG B 16 10.40 -19.77 30.74
CA ARG B 16 10.08 -21.19 30.77
C ARG B 16 10.63 -21.85 32.04
N ALA B 17 11.83 -21.45 32.47
CA ALA B 17 12.35 -21.97 33.72
C ALA B 17 11.42 -21.61 34.87
N ARG B 18 10.89 -20.38 34.86
CA ARG B 18 9.92 -20.02 35.89
C ARG B 18 8.68 -20.90 35.77
N LEU B 19 8.22 -21.13 34.55
CA LEU B 19 7.01 -21.91 34.35
C LEU B 19 7.21 -23.35 34.78
N LYS B 20 8.39 -23.92 34.49
CA LYS B 20 8.71 -25.27 34.99
C LYS B 20 8.60 -25.35 36.52
N ASN B 21 9.21 -24.40 37.23
CA ASN B 21 9.18 -24.46 38.70
C ASN B 21 7.75 -24.31 39.21
N GLN B 22 6.91 -23.64 38.45
CA GLN B 22 5.51 -23.54 38.80
C GLN B 22 4.79 -24.86 38.61
N VAL B 23 5.04 -25.49 37.45
CA VAL B 23 4.41 -26.78 37.13
C VAL B 23 4.90 -27.88 38.07
N THR B 24 6.23 -27.95 38.28
CA THR B 24 6.76 -28.94 39.21
C THR B 24 6.19 -28.72 40.61
N GLN B 25 6.15 -27.46 41.07
CA GLN B 25 5.53 -27.19 42.37
C GLN B 25 4.06 -27.55 42.35
N LEU B 26 3.40 -27.41 41.21
CA LEU B 26 1.97 -27.68 41.17
C LEU B 26 1.65 -29.16 41.21
N LYS B 27 2.57 -30.01 40.75
CA LYS B 27 2.35 -31.45 40.86
C LYS B 27 2.76 -32.00 42.23
N GLU B 28 3.62 -31.27 42.96
CA GLU B 28 3.97 -31.61 44.34
C GLU B 28 2.97 -31.05 45.34
N GLN B 29 2.30 -29.96 44.99
CA GLN B 29 1.26 -29.40 45.88
C GLN B 29 -0.05 -30.16 45.66
N VAL B 30 -0.35 -30.49 44.42
CA VAL B 30 -1.54 -31.31 44.11
C VAL B 30 -1.04 -32.51 43.31
N PRO B 31 -0.83 -33.67 43.95
CA PRO B 31 -0.26 -34.82 43.26
C PRO B 31 -1.19 -35.42 42.19
N GLY B 32 -0.60 -35.89 41.08
CA GLY B 32 -1.38 -36.54 40.02
C GLY B 32 -2.09 -35.55 39.13
N PHE B 33 -1.46 -34.40 38.87
CA PHE B 33 -2.12 -33.39 38.07
C PHE B 33 -1.08 -32.70 37.20
N THR B 34 -1.38 -32.61 35.91
CA THR B 34 -0.52 -31.94 34.96
C THR B 34 -1.35 -31.00 34.10
N PRO B 35 -0.80 -29.82 33.78
CA PRO B 35 -1.37 -29.00 32.71
C PRO B 35 -1.46 -29.79 31.40
N ARG B 36 -2.62 -29.71 30.75
CA ARG B 36 -2.84 -30.43 29.51
C ARG B 36 -3.22 -29.44 28.42
N LEU B 37 -2.43 -29.41 27.35
CA LEU B 37 -2.64 -28.56 26.18
C LEU B 37 -2.94 -29.45 24.99
N ALA B 38 -3.77 -28.95 24.07
CA ALA B 38 -4.03 -29.66 22.82
C ALA B 38 -3.96 -28.69 21.65
N ILE B 39 -3.08 -28.95 20.69
CA ILE B 39 -3.00 -28.18 19.45
C ILE B 39 -3.65 -28.96 18.32
N LEU B 40 -4.63 -28.35 17.65
CA LEU B 40 -5.31 -28.94 16.49
C LEU B 40 -4.73 -28.35 15.21
N GLN B 41 -4.43 -29.20 14.23
CA GLN B 41 -3.92 -28.76 12.93
C GLN B 41 -4.76 -29.34 11.80
N VAL B 42 -5.05 -28.54 10.77
CA VAL B 42 -5.70 -29.01 9.56
C VAL B 42 -4.72 -28.85 8.40
N GLY B 43 -4.39 -29.94 7.73
CA GLY B 43 -3.42 -29.91 6.66
C GLY B 43 -2.00 -30.09 7.12
N ASN B 44 -1.07 -29.81 6.21
CA ASN B 44 0.35 -30.10 6.42
C ASN B 44 1.25 -28.95 5.97
N ARG B 45 0.95 -27.73 6.42
CA ARG B 45 1.83 -26.61 6.12
C ARG B 45 3.21 -26.79 6.75
N ASP B 46 4.26 -26.44 5.99
CA ASP B 46 5.64 -26.56 6.49
C ASP B 46 5.88 -25.66 7.71
N ASP B 47 5.43 -24.41 7.63
CA ASP B 47 5.67 -23.50 8.74
C ASP B 47 4.83 -23.89 9.95
N SER B 48 3.61 -24.34 9.71
CA SER B 48 2.74 -24.75 10.81
C SER B 48 3.32 -25.97 11.53
N ASN B 49 3.76 -26.98 10.75
CA ASN B 49 4.46 -28.13 11.32
C ASN B 49 5.62 -27.71 12.22
N LEU B 50 6.40 -26.72 11.79
CA LEU B 50 7.57 -26.29 12.55
C LEU B 50 7.17 -25.60 13.86
N TYR B 51 6.27 -24.63 13.75
CA TYR B 51 5.82 -23.86 14.94
C TYR B 51 5.14 -24.79 15.93
N ILE B 52 4.38 -25.76 15.43
CA ILE B 52 3.73 -26.71 16.32
C ILE B 52 4.78 -27.49 17.10
N ASN B 53 5.86 -27.89 16.42
CA ASN B 53 6.90 -28.66 17.08
C ASN B 53 7.60 -27.83 18.14
N VAL B 54 7.90 -26.56 17.83
CA VAL B 54 8.50 -25.68 18.83
C VAL B 54 7.64 -25.63 20.09
N LYS B 55 6.33 -25.47 19.91
CA LYS B 55 5.46 -25.35 21.07
C LYS B 55 5.39 -26.67 21.85
N LEU B 56 5.33 -27.80 21.14
CA LEU B 56 5.41 -29.09 21.82
C LEU B 56 6.69 -29.19 22.65
N LYS B 57 7.80 -28.67 22.13
CA LYS B 57 9.07 -28.78 22.82
C LYS B 57 9.09 -27.92 24.07
N ALA B 58 8.63 -26.67 23.95
CA ALA B 58 8.51 -25.82 25.12
C ALA B 58 7.62 -26.46 26.17
N ALA B 59 6.59 -27.18 25.74
CA ALA B 59 5.68 -27.85 26.69
C ALA B 59 6.35 -29.05 27.36
N GLU B 60 7.17 -29.78 26.61
CA GLU B 60 7.91 -30.88 27.22
C GLU B 60 8.85 -30.34 28.30
N GLU B 61 9.68 -29.35 27.96
CA GLU B 61 10.63 -28.76 28.91
C GLU B 61 9.97 -28.24 30.18
N ILE B 62 8.73 -27.75 30.09
CA ILE B 62 8.14 -27.09 31.23
C ILE B 62 7.46 -28.09 32.16
N GLY B 63 6.77 -29.06 31.59
CA GLY B 63 5.99 -29.99 32.38
C GLY B 63 4.56 -30.11 31.88
N ILE B 64 4.27 -29.49 30.74
CA ILE B 64 2.93 -29.48 30.16
C ILE B 64 2.77 -30.70 29.26
N LYS B 65 1.68 -31.44 29.46
CA LYS B 65 1.32 -32.54 28.57
C LYS B 65 0.60 -31.94 27.37
N ALA B 66 1.31 -31.88 26.24
CA ALA B 66 0.79 -31.32 25.01
C ALA B 66 0.57 -32.44 23.98
N THR B 67 -0.66 -32.58 23.52
CA THR B 67 -1.04 -33.42 22.41
C THR B 67 -1.04 -32.59 21.10
N HIS B 68 -0.76 -33.25 19.97
CA HIS B 68 -0.86 -32.64 18.65
C HIS B 68 -1.74 -33.51 17.78
N ILE B 69 -2.87 -32.97 17.33
CA ILE B 69 -3.75 -33.68 16.40
C ILE B 69 -3.64 -33.04 15.02
N LYS B 70 -3.23 -33.84 14.03
CA LYS B 70 -3.13 -33.40 12.64
C LYS B 70 -4.18 -34.10 11.79
N LEU B 71 -5.23 -33.34 11.39
CA LEU B 71 -6.25 -33.72 10.42
C LEU B 71 -5.74 -33.50 8.99
N PRO B 72 -6.21 -34.28 8.02
CA PRO B 72 -5.73 -34.16 6.64
C PRO B 72 -6.28 -32.92 5.91
N ARG B 73 -5.80 -32.66 4.70
CA ARG B 73 -6.28 -31.49 3.96
C ARG B 73 -7.74 -31.71 3.58
N THR B 74 -8.13 -32.96 3.32
CA THR B 74 -9.49 -33.22 2.85
C THR B 74 -10.49 -33.19 3.98
N THR B 75 -10.20 -32.46 5.05
CA THR B 75 -11.08 -32.45 6.22
C THR B 75 -12.24 -31.49 6.01
N THR B 76 -13.44 -31.91 6.43
CA THR B 76 -14.61 -31.06 6.36
C THR B 76 -14.80 -30.35 7.69
N GLU B 77 -15.41 -29.16 7.62
CA GLU B 77 -15.64 -28.32 8.78
C GLU B 77 -16.47 -29.04 9.85
N SER B 78 -17.37 -29.92 9.44
CA SER B 78 -18.04 -30.74 10.44
C SER B 78 -17.03 -31.59 11.21
N GLU B 79 -16.07 -32.18 10.51
CA GLU B 79 -15.13 -33.09 11.15
C GLU B 79 -14.31 -32.38 12.22
N VAL B 80 -13.98 -31.13 11.95
CA VAL B 80 -13.14 -30.34 12.89
C VAL B 80 -13.98 -29.93 14.09
N MET B 81 -15.28 -29.73 13.91
CA MET B 81 -16.16 -29.45 15.05
C MET B 81 -16.24 -30.62 16.00
N LYS B 82 -16.21 -31.85 15.47
CA LYS B 82 -16.28 -33.02 16.34
C LYS B 82 -15.09 -33.05 17.29
N TYR B 83 -13.92 -32.58 16.84
CA TYR B 83 -12.75 -32.47 17.70
C TYR B 83 -12.89 -31.33 18.70
N ILE B 84 -13.43 -30.18 18.26
CA ILE B 84 -13.57 -29.05 19.16
C ILE B 84 -14.59 -29.37 20.24
N THR B 85 -15.74 -29.90 19.83
CA THR B 85 -16.77 -30.34 20.78
C THR B 85 -16.16 -31.27 21.81
N SER B 86 -15.37 -32.24 21.33
CA SER B 86 -14.79 -33.24 22.22
C SER B 86 -13.83 -32.60 23.22
N LEU B 87 -12.95 -31.71 22.73
CA LEU B 87 -11.97 -31.09 23.60
C LEU B 87 -12.63 -30.13 24.59
N ASN B 88 -13.71 -29.46 24.20
CA ASN B 88 -14.38 -28.59 25.14
C ASN B 88 -14.92 -29.37 26.35
N GLU B 89 -15.46 -30.56 26.11
CA GLU B 89 -16.15 -31.32 27.13
C GLU B 89 -15.23 -32.28 27.88
N ASP B 90 -14.00 -32.48 27.42
CA ASP B 90 -13.02 -33.28 28.15
C ASP B 90 -12.40 -32.43 29.25
N SER B 91 -12.76 -32.72 30.50
CA SER B 91 -12.30 -31.92 31.64
C SER B 91 -10.80 -32.06 31.89
N THR B 92 -10.14 -33.09 31.35
CA THR B 92 -8.69 -33.20 31.54
C THR B 92 -7.91 -32.19 30.69
N VAL B 93 -8.56 -31.54 29.74
CA VAL B 93 -7.89 -30.64 28.81
C VAL B 93 -8.15 -29.22 29.27
N HIS B 94 -7.09 -28.50 29.66
CA HIS B 94 -7.24 -27.17 30.24
C HIS B 94 -7.24 -26.08 29.20
N GLY B 95 -6.49 -26.24 28.12
CA GLY B 95 -6.55 -25.27 27.04
C GLY B 95 -6.25 -25.95 25.73
N PHE B 96 -6.83 -25.41 24.66
CA PHE B 96 -6.49 -25.93 23.34
C PHE B 96 -6.56 -24.83 22.29
N LEU B 97 -5.90 -25.08 21.16
CA LEU B 97 -5.82 -24.09 20.11
C LEU B 97 -5.88 -24.79 18.76
N VAL B 98 -6.33 -24.04 17.76
CA VAL B 98 -6.30 -24.45 16.37
C VAL B 98 -5.22 -23.62 15.72
N GLN B 99 -4.20 -24.25 15.17
CA GLN B 99 -3.17 -23.49 14.47
C GLN B 99 -3.73 -22.86 13.20
N LEU B 100 -3.32 -21.63 12.93
CA LEU B 100 -3.88 -20.92 11.78
C LEU B 100 -2.79 -20.58 10.78
N PRO B 101 -3.15 -20.42 9.50
CA PRO B 101 -4.49 -20.60 8.92
C PRO B 101 -4.74 -22.08 8.67
N LEU B 102 -5.99 -22.54 8.58
CA LEU B 102 -6.24 -23.92 8.17
C LEU B 102 -5.84 -24.15 6.72
N ASP B 103 -5.27 -25.33 6.49
CA ASP B 103 -4.87 -25.78 5.14
C ASP B 103 -5.83 -26.89 4.74
N SER B 104 -6.96 -26.53 4.17
CA SER B 104 -7.97 -27.52 3.79
C SER B 104 -8.45 -27.25 2.37
N GLU B 105 -8.61 -28.30 1.58
CA GLU B 105 -9.09 -28.20 0.18
C GLU B 105 -10.56 -27.79 0.15
N ASN B 106 -11.33 -28.27 1.12
CA ASN B 106 -12.72 -27.87 1.25
C ASN B 106 -12.81 -26.47 1.87
N SER B 107 -14.04 -26.00 2.09
CA SER B 107 -14.33 -24.63 2.53
C SER B 107 -14.69 -24.65 4.01
N ILE B 108 -13.82 -24.12 4.86
CA ILE B 108 -14.02 -24.18 6.30
C ILE B 108 -14.13 -22.77 6.84
N ASN B 109 -15.23 -22.50 7.52
CA ASN B 109 -15.46 -21.21 8.13
C ASN B 109 -14.54 -21.09 9.34
N THR B 110 -13.37 -20.47 9.14
CA THR B 110 -12.40 -20.31 10.22
C THR B 110 -13.04 -19.70 11.47
N GLU B 111 -13.80 -18.60 11.30
CA GLU B 111 -14.43 -17.93 12.44
C GLU B 111 -15.39 -18.85 13.18
N GLU B 112 -16.22 -19.59 12.46
CA GLU B 112 -17.18 -20.52 13.09
C GLU B 112 -16.45 -21.58 13.92
N VAL B 113 -15.28 -21.99 13.44
CA VAL B 113 -14.52 -23.03 14.13
C VAL B 113 -13.86 -22.46 15.36
N ILE B 114 -13.07 -21.39 15.18
CA ILE B 114 -12.41 -20.74 16.31
C ILE B 114 -13.43 -20.41 17.39
N ASN B 115 -14.61 -20.00 16.99
CA ASN B 115 -15.59 -19.53 17.96
C ASN B 115 -16.39 -20.66 18.61
N ALA B 116 -16.16 -21.90 18.23
CA ALA B 116 -16.72 -23.04 18.96
C ALA B 116 -15.86 -23.46 20.15
N ILE B 117 -14.70 -22.83 20.36
CA ILE B 117 -13.85 -23.11 21.51
C ILE B 117 -14.40 -22.42 22.76
N ALA B 118 -14.50 -23.18 23.84
CA ALA B 118 -14.90 -22.60 25.11
C ALA B 118 -13.92 -21.49 25.47
N PRO B 119 -14.41 -20.31 25.86
CA PRO B 119 -13.49 -19.20 26.12
C PRO B 119 -12.49 -19.50 27.22
N GLU B 120 -12.80 -20.42 28.12
CA GLU B 120 -11.97 -20.67 29.28
C GLU B 120 -10.91 -21.71 28.99
N LYS B 121 -10.86 -22.18 27.74
CA LYS B 121 -9.75 -22.98 27.22
C LYS B 121 -9.07 -22.31 26.03
N ASP B 122 -9.51 -21.09 25.67
CA ASP B 122 -9.02 -20.40 24.47
C ASP B 122 -7.68 -19.75 24.79
N VAL B 123 -6.66 -20.60 24.96
CA VAL B 123 -5.33 -20.14 25.37
C VAL B 123 -4.72 -19.20 24.33
N ASP B 124 -5.21 -19.26 23.09
CA ASP B 124 -4.76 -18.36 22.02
C ASP B 124 -5.52 -17.04 21.97
N GLY B 125 -6.53 -16.83 22.84
CA GLY B 125 -7.27 -15.58 22.86
C GLY B 125 -7.97 -15.24 21.56
N LEU B 126 -8.44 -16.24 20.83
CA LEU B 126 -8.94 -16.03 19.46
C LEU B 126 -10.48 -16.01 19.35
N THR B 127 -11.20 -16.39 20.40
CA THR B 127 -12.65 -16.28 20.33
C THR B 127 -13.08 -14.82 20.38
N SER B 128 -14.24 -14.57 19.78
CA SER B 128 -14.86 -13.26 19.84
C SER B 128 -15.08 -12.82 21.28
N ILE B 129 -15.48 -13.76 22.14
CA ILE B 129 -15.69 -13.45 23.55
C ILE B 129 -14.44 -12.82 24.16
N ASN B 130 -13.30 -13.52 24.08
CA ASN B 130 -12.05 -13.01 24.66
C ASN B 130 -11.57 -11.76 23.94
N ALA B 131 -11.73 -11.71 22.62
CA ALA B 131 -11.30 -10.54 21.88
C ALA B 131 -12.11 -9.32 22.30
N GLY B 132 -13.41 -9.52 22.60
CA GLY B 132 -14.25 -8.40 23.00
C GLY B 132 -13.87 -7.79 24.34
N ARG B 133 -13.42 -8.62 25.29
CA ARG B 133 -12.95 -8.09 26.56
C ARG B 133 -11.69 -7.25 26.36
N LEU B 134 -10.66 -7.83 25.75
CA LEU B 134 -9.42 -7.09 25.50
C LEU B 134 -9.69 -5.86 24.65
N ALA B 135 -10.51 -6.01 23.60
CA ALA B 135 -10.90 -4.85 22.79
C ALA B 135 -11.62 -3.76 23.57
N ARG B 136 -12.20 -4.10 24.72
CA ARG B 136 -12.90 -3.10 25.53
C ARG B 136 -12.23 -2.85 26.88
N GLY B 137 -10.99 -3.32 27.07
CA GLY B 137 -10.22 -3.00 28.26
C GLY B 137 -10.43 -3.89 29.46
N ASP B 138 -11.19 -4.99 29.33
CA ASP B 138 -11.41 -5.92 30.45
C ASP B 138 -10.35 -7.01 30.44
N LEU B 139 -9.11 -6.58 30.69
CA LEU B 139 -7.90 -7.37 30.46
C LEU B 139 -7.63 -8.47 31.50
N ASN B 140 -8.28 -8.47 32.66
CA ASN B 140 -8.06 -9.54 33.62
C ASN B 140 -9.16 -10.59 33.59
N ASP B 141 -10.04 -10.50 32.60
CA ASP B 141 -11.14 -11.44 32.42
C ASP B 141 -10.90 -12.42 31.28
N CYS B 142 -9.76 -12.31 30.58
CA CYS B 142 -9.67 -12.94 29.28
C CYS B 142 -8.24 -13.39 28.99
N PHE B 143 -8.14 -14.33 28.06
CA PHE B 143 -6.86 -14.69 27.45
C PHE B 143 -6.50 -13.68 26.36
N ILE B 144 -5.26 -13.21 26.41
CA ILE B 144 -4.76 -12.24 25.45
C ILE B 144 -3.87 -12.99 24.47
N PRO B 145 -3.99 -12.72 23.17
CA PRO B 145 -3.21 -13.47 22.18
C PRO B 145 -1.72 -13.47 22.51
N CYS B 146 -1.08 -14.60 22.21
CA CYS B 146 0.26 -14.88 22.71
C CYS B 146 1.30 -13.94 22.11
N THR B 147 1.22 -13.68 20.80
CA THR B 147 2.21 -12.79 20.19
C THR B 147 2.12 -11.39 20.75
N PRO B 148 0.95 -10.74 20.87
CA PRO B 148 0.91 -9.44 21.55
C PRO B 148 1.43 -9.53 22.96
N LYS B 149 1.11 -10.62 23.67
CA LYS B 149 1.60 -10.84 25.02
C LYS B 149 3.13 -10.82 25.06
N GLY B 150 3.76 -11.59 24.18
CA GLY B 150 5.21 -11.63 24.17
C GLY B 150 5.77 -10.28 23.73
N CYS B 151 5.07 -9.63 22.81
CA CYS B 151 5.48 -8.31 22.37
C CYS B 151 5.48 -7.31 23.51
N LEU B 152 4.41 -7.28 24.31
CA LEU B 152 4.34 -6.35 25.44
C LEU B 152 5.47 -6.59 26.44
N GLU B 153 5.74 -7.86 26.78
CA GLU B 153 6.84 -8.15 27.69
C GLU B 153 8.18 -7.69 27.12
N LEU B 154 8.39 -7.85 25.81
CA LEU B 154 9.61 -7.32 25.19
C LEU B 154 9.70 -5.81 25.36
N ILE B 155 8.57 -5.10 25.29
CA ILE B 155 8.60 -3.65 25.47
C ILE B 155 9.01 -3.29 26.89
N LYS B 156 8.45 -4.00 27.88
CA LYS B 156 8.72 -3.70 29.30
C LYS B 156 10.17 -3.98 29.68
N GLU B 157 10.80 -4.93 29.00
CA GLU B 157 12.21 -5.25 29.22
C GLU B 157 13.14 -4.10 28.89
N THR B 158 12.68 -3.08 28.14
CA THR B 158 13.45 -1.86 27.99
C THR B 158 13.34 -0.95 29.20
N GLY B 159 12.34 -1.16 30.04
CA GLY B 159 12.12 -0.24 31.14
C GLY B 159 11.60 1.12 30.75
N VAL B 160 11.42 1.41 29.46
CA VAL B 160 10.78 2.66 29.05
C VAL B 160 9.30 2.54 29.40
N PRO B 161 8.74 3.44 30.21
CA PRO B 161 7.27 3.39 30.41
C PRO B 161 6.55 3.53 29.07
N ILE B 162 5.44 2.80 28.94
CA ILE B 162 4.60 2.90 27.76
C ILE B 162 3.70 4.13 27.83
N ALA B 163 3.07 4.37 28.98
CA ALA B 163 1.96 5.30 29.05
C ALA B 163 2.39 6.70 28.61
N GLY B 164 1.58 7.32 27.75
CA GLY B 164 1.89 8.62 27.20
C GLY B 164 2.75 8.60 25.94
N ARG B 165 3.26 7.43 25.55
CA ARG B 165 4.07 7.32 24.36
C ARG B 165 3.18 7.01 23.18
N HIS B 166 3.63 7.37 21.99
CA HIS B 166 2.88 7.11 20.78
C HIS B 166 3.37 5.81 20.14
N ALA B 167 2.47 4.85 20.01
CA ALA B 167 2.80 3.57 19.42
C ALA B 167 2.18 3.48 18.04
N VAL B 168 2.94 3.01 17.06
CA VAL B 168 2.42 2.69 15.74
C VAL B 168 2.44 1.18 15.57
N VAL B 169 1.26 0.58 15.43
CA VAL B 169 1.13 -0.83 15.04
C VAL B 169 0.92 -0.89 13.53
N VAL B 170 1.68 -1.74 12.85
CA VAL B 170 1.56 -1.89 11.39
C VAL B 170 1.00 -3.27 11.12
N GLY B 171 -0.21 -3.33 10.59
CA GLY B 171 -0.92 -4.58 10.39
C GLY B 171 -2.02 -4.69 11.41
N ARG B 172 -3.14 -5.27 11.02
CA ARG B 172 -4.33 -5.31 11.87
C ARG B 172 -4.92 -6.71 11.91
N SER B 173 -4.09 -7.74 11.89
CA SER B 173 -4.62 -9.10 11.77
C SER B 173 -5.20 -9.61 13.09
N LYS B 174 -6.06 -10.64 12.99
CA LYS B 174 -6.76 -11.20 14.14
C LYS B 174 -5.82 -11.76 15.20
N ILE B 175 -4.61 -12.12 14.84
CA ILE B 175 -3.75 -12.89 15.74
C ILE B 175 -2.68 -11.95 16.28
N VAL B 176 -2.30 -10.94 15.49
CA VAL B 176 -1.21 -10.09 15.92
C VAL B 176 -1.57 -8.61 15.97
N GLY B 177 -1.86 -8.02 14.80
CA GLY B 177 -1.98 -6.57 14.73
C GLY B 177 -3.12 -6.00 15.56
N ALA B 178 -4.33 -6.53 15.39
CA ALA B 178 -5.47 -5.96 16.09
C ALA B 178 -5.38 -6.16 17.59
N PRO B 179 -5.14 -7.37 18.13
CA PRO B 179 -4.92 -7.46 19.58
C PRO B 179 -3.72 -6.64 20.06
N MET B 180 -2.66 -6.54 19.25
CA MET B 180 -1.55 -5.69 19.63
C MET B 180 -2.00 -4.26 19.87
N HIS B 181 -2.92 -3.78 19.03
CA HIS B 181 -3.40 -2.41 19.18
C HIS B 181 -4.08 -2.22 20.53
N ASP B 182 -4.96 -3.16 20.93
CA ASP B 182 -5.69 -3.00 22.18
C ASP B 182 -4.76 -3.07 23.39
N LEU B 183 -3.76 -3.95 23.36
CA LEU B 183 -2.87 -4.06 24.51
C LEU B 183 -2.09 -2.76 24.69
N LEU B 184 -1.62 -2.18 23.59
CA LEU B 184 -0.92 -0.92 23.74
C LEU B 184 -1.86 0.16 24.25
N LEU B 185 -3.09 0.19 23.73
CA LEU B 185 -4.05 1.23 24.11
C LEU B 185 -4.39 1.17 25.60
N TRP B 186 -4.63 -0.03 26.13
CA TRP B 186 -4.97 -0.13 27.55
C TRP B 186 -3.74 -0.16 28.45
N ASN B 187 -2.53 -0.20 27.88
CA ASN B 187 -1.35 0.23 28.62
C ASN B 187 -1.11 1.72 28.44
N ASN B 188 -2.12 2.46 27.94
CA ASN B 188 -2.17 3.92 27.91
C ASN B 188 -1.15 4.54 26.97
N ALA B 189 -0.72 3.79 25.96
CA ALA B 189 -0.14 4.41 24.79
C ALA B 189 -1.24 5.08 23.97
N THR B 190 -0.87 6.17 23.28
CA THR B 190 -1.65 6.64 22.15
C THR B 190 -1.25 5.80 20.94
N VAL B 191 -2.19 5.05 20.38
CA VAL B 191 -1.90 4.04 19.37
C VAL B 191 -2.40 4.51 18.02
N THR B 192 -1.64 4.19 16.97
CA THR B 192 -2.02 4.40 15.58
C THR B 192 -1.91 3.07 14.85
N THR B 193 -3.00 2.61 14.26
CA THR B 193 -3.00 1.36 13.51
C THR B 193 -2.87 1.67 12.03
N CYS B 194 -1.91 1.02 11.36
CA CYS B 194 -1.76 1.05 9.91
C CYS B 194 -2.10 -0.32 9.33
N HIS B 195 -2.28 -0.34 8.02
CA HIS B 195 -2.67 -1.56 7.33
C HIS B 195 -2.28 -1.39 5.86
N SER B 196 -2.77 -2.27 5.00
CA SER B 196 -2.31 -2.20 3.61
C SER B 196 -2.85 -0.99 2.85
N LYS B 197 -3.85 -0.27 3.38
CA LYS B 197 -4.45 0.86 2.70
C LYS B 197 -3.98 2.20 3.27
N THR B 198 -3.04 2.17 4.21
CA THR B 198 -2.53 3.40 4.80
C THR B 198 -1.76 4.19 3.76
N ALA B 199 -2.13 5.45 3.56
CA ALA B 199 -1.34 6.33 2.71
C ALA B 199 -0.06 6.76 3.42
N HIS B 200 1.00 6.98 2.65
CA HIS B 200 2.24 7.54 3.18
C HIS B 200 2.72 6.78 4.41
N LEU B 201 2.68 5.45 4.33
CA LEU B 201 3.12 4.59 5.42
C LEU B 201 4.41 5.07 6.09
N ASP B 202 5.39 5.57 5.31
CA ASP B 202 6.65 5.98 5.91
C ASP B 202 6.47 7.14 6.89
N GLU B 203 5.62 8.11 6.53
CA GLU B 203 5.37 9.24 7.43
C GLU B 203 4.73 8.78 8.73
N GLU B 204 3.80 7.82 8.65
CA GLU B 204 3.18 7.26 9.85
C GLU B 204 4.21 6.56 10.73
N VAL B 205 4.99 5.66 10.14
CA VAL B 205 5.97 4.90 10.91
C VAL B 205 6.89 5.85 11.67
N ASN B 206 7.24 6.98 11.05
CA ASN B 206 8.14 7.93 11.72
C ASN B 206 7.54 8.53 12.99
N LYS B 207 6.22 8.46 13.16
CA LYS B 207 5.66 8.96 14.40
C LYS B 207 5.87 8.01 15.57
N GLY B 208 6.27 6.76 15.31
CA GLY B 208 6.27 5.75 16.37
C GLY B 208 7.42 5.76 17.36
N ASP B 209 7.15 6.16 18.62
CA ASP B 209 8.09 5.86 19.70
C ASP B 209 8.19 4.36 19.95
N ILE B 210 7.07 3.67 19.96
CA ILE B 210 7.00 2.21 19.96
C ILE B 210 6.51 1.82 18.58
N LEU B 211 7.14 0.81 18.00
CA LEU B 211 6.83 0.40 16.62
C LEU B 211 6.75 -1.11 16.59
N VAL B 212 5.57 -1.65 16.31
CA VAL B 212 5.31 -3.09 16.20
C VAL B 212 4.91 -3.39 14.76
N VAL B 213 5.57 -4.35 14.12
CA VAL B 213 5.35 -4.62 12.69
C VAL B 213 4.98 -6.08 12.49
N ALA B 214 3.75 -6.33 12.06
CA ALA B 214 3.32 -7.68 11.66
C ALA B 214 2.63 -7.58 10.30
N THR B 215 3.42 -7.50 9.23
CA THR B 215 2.90 -7.35 7.88
C THR B 215 3.08 -8.59 7.00
N GLY B 216 3.97 -9.50 7.36
CA GLY B 216 4.35 -10.59 6.47
C GLY B 216 4.99 -10.13 5.18
N GLN B 217 5.63 -8.95 5.18
CA GLN B 217 6.27 -8.36 4.01
C GLN B 217 7.75 -8.18 4.28
N PRO B 218 8.62 -9.07 3.79
CA PRO B 218 10.04 -9.03 4.16
C PRO B 218 10.76 -7.68 4.07
N GLU B 219 11.26 -7.18 5.21
CA GLU B 219 12.09 -5.97 5.28
C GLU B 219 11.46 -4.83 4.51
N MET B 220 10.16 -4.70 4.64
CA MET B 220 9.43 -3.62 3.97
C MET B 220 9.49 -2.31 4.76
N VAL B 221 9.58 -2.37 6.10
CA VAL B 221 9.73 -1.17 6.90
C VAL B 221 11.19 -0.78 6.92
N LYS B 222 11.52 0.38 6.35
CA LYS B 222 12.90 0.77 6.13
C LYS B 222 13.46 1.48 7.35
N GLY B 223 14.77 1.50 7.52
CA GLY B 223 15.31 2.10 8.74
C GLY B 223 15.10 3.60 8.73
N GLU B 224 15.10 4.22 7.55
CA GLU B 224 14.98 5.69 7.46
C GLU B 224 13.64 6.11 8.06
N TRP B 225 12.66 5.22 8.03
CA TRP B 225 11.32 5.53 8.54
C TRP B 225 11.29 5.59 10.06
N ILE B 226 12.18 4.85 10.73
CA ILE B 226 12.15 4.77 12.19
C ILE B 226 12.40 6.15 12.81
N LYS B 227 11.58 6.49 13.79
CA LYS B 227 11.87 7.64 14.61
C LYS B 227 13.16 7.40 15.38
N PRO B 228 14.06 8.38 15.45
CA PRO B 228 15.31 8.20 16.22
C PRO B 228 15.00 7.83 17.66
N GLY B 229 15.63 6.75 18.12
CA GLY B 229 15.47 6.31 19.49
C GLY B 229 14.25 5.45 19.76
N ALA B 230 13.63 4.90 18.72
CA ALA B 230 12.38 4.17 18.86
C ALA B 230 12.63 2.76 19.39
N ILE B 231 11.64 2.24 20.12
CA ILE B 231 11.56 0.81 20.46
C ILE B 231 10.88 0.10 19.29
N VAL B 232 11.56 -0.88 18.69
CA VAL B 232 11.16 -1.48 17.41
C VAL B 232 10.97 -2.97 17.62
N ILE B 233 9.73 -3.44 17.51
CA ILE B 233 9.36 -4.85 17.68
C ILE B 233 9.01 -5.43 16.32
N ASP B 234 9.72 -6.50 15.90
CA ASP B 234 9.51 -7.11 14.58
C ASP B 234 8.94 -8.53 14.73
N CYS B 235 7.69 -8.70 14.30
CA CYS B 235 7.02 -9.98 14.32
C CYS B 235 7.27 -10.80 13.08
N GLY B 236 7.92 -10.22 12.08
CA GLY B 236 8.05 -10.90 10.80
C GLY B 236 8.81 -12.21 10.94
N ILE B 237 8.36 -13.20 10.18
CA ILE B 237 9.15 -14.37 9.87
C ILE B 237 8.95 -14.60 8.38
N ASN B 238 9.98 -14.35 7.60
CA ASN B 238 9.90 -14.46 6.15
C ASN B 238 11.09 -15.29 5.67
N TYR B 239 10.82 -16.22 4.78
CA TYR B 239 11.81 -17.16 4.27
C TYR B 239 12.22 -16.70 2.88
N VAL B 240 13.47 -16.24 2.76
CA VAL B 240 13.95 -15.57 1.55
C VAL B 240 15.31 -16.13 1.16
N PRO B 241 15.67 -16.04 -0.14
CA PRO B 241 16.96 -16.48 -0.69
C PRO B 241 18.17 -16.24 0.22
N LYS B 250 17.47 -18.28 4.21
CA LYS B 250 17.69 -17.13 5.11
C LYS B 250 16.38 -16.65 5.75
N VAL B 251 16.40 -16.21 7.01
CA VAL B 251 15.19 -15.75 7.69
C VAL B 251 15.33 -14.26 7.98
N VAL B 252 14.42 -13.46 7.44
CA VAL B 252 14.36 -12.04 7.75
C VAL B 252 12.98 -11.74 8.35
N GLY B 253 12.85 -10.55 8.93
CA GLY B 253 11.60 -10.08 9.46
C GLY B 253 10.99 -8.97 8.60
N ASP B 254 10.03 -8.28 9.18
CA ASP B 254 9.28 -7.26 8.46
C ASP B 254 9.98 -5.91 8.45
N VAL B 255 11.00 -5.73 9.27
CA VAL B 255 11.79 -4.50 9.34
C VAL B 255 13.16 -4.76 8.73
N ALA B 256 13.67 -3.80 7.97
CA ALA B 256 15.05 -3.87 7.48
C ALA B 256 15.99 -3.71 8.66
N TYR B 257 16.47 -4.84 9.17
CA TYR B 257 17.11 -4.88 10.47
C TYR B 257 18.41 -4.10 10.51
N ASP B 258 19.17 -4.07 9.42
CA ASP B 258 20.49 -3.43 9.49
C ASP B 258 20.37 -1.92 9.65
N GLU B 259 19.58 -1.30 8.82
CA GLU B 259 19.46 0.17 8.86
C GLU B 259 18.70 0.63 10.10
N ALA B 260 17.75 -0.19 10.56
CA ALA B 260 16.88 0.21 11.67
C ALA B 260 17.61 0.19 13.00
N LYS B 261 18.58 -0.73 13.16
CA LYS B 261 19.38 -0.79 14.38
C LYS B 261 20.24 0.45 14.59
N GLU B 262 20.49 1.23 13.53
CA GLU B 262 21.24 2.48 13.66
C GLU B 262 20.38 3.63 14.14
N ARG B 263 19.08 3.43 14.35
CA ARG B 263 18.20 4.56 14.74
C ARG B 263 17.34 4.17 15.92
N ALA B 264 17.11 2.88 16.10
CA ALA B 264 16.35 2.45 17.25
C ALA B 264 17.17 2.61 18.53
N SER B 265 16.46 2.67 19.66
CA SER B 265 17.13 2.48 20.93
C SER B 265 17.03 1.05 21.42
N PHE B 266 16.05 0.29 20.93
CA PHE B 266 15.90 -1.12 21.21
C PHE B 266 15.35 -1.79 19.97
N ILE B 267 15.84 -2.99 19.66
CA ILE B 267 15.36 -3.72 18.50
C ILE B 267 15.43 -5.22 18.79
N THR B 268 14.42 -5.93 18.30
CA THR B 268 14.27 -7.38 18.30
C THR B 268 14.92 -7.96 17.06
N PRO B 269 15.76 -8.99 17.19
CA PRO B 269 16.28 -9.66 16.00
C PRO B 269 15.27 -10.67 15.47
N VAL B 270 15.41 -10.98 14.19
CA VAL B 270 14.71 -12.11 13.60
C VAL B 270 15.76 -13.05 13.01
N PRO B 271 15.79 -14.31 13.41
CA PRO B 271 14.91 -14.93 14.41
C PRO B 271 15.42 -14.60 15.81
N GLY B 272 14.93 -15.28 16.85
CA GLY B 272 15.41 -15.08 18.20
C GLY B 272 14.76 -13.94 18.97
N GLY B 273 13.70 -13.34 18.43
CA GLY B 273 13.06 -12.20 19.08
C GLY B 273 11.65 -12.48 19.57
N VAL B 274 10.66 -12.02 18.78
CA VAL B 274 9.26 -12.20 19.16
C VAL B 274 8.89 -13.68 19.18
N GLY B 275 9.45 -14.47 18.26
CA GLY B 275 9.19 -15.88 18.14
C GLY B 275 9.21 -16.67 19.44
N PRO B 276 10.36 -16.74 20.11
CA PRO B 276 10.39 -17.50 21.38
C PRO B 276 9.47 -16.92 22.42
N MET B 277 9.30 -15.59 22.39
CA MET B 277 8.42 -14.95 23.35
C MET B 277 6.98 -15.39 23.15
N THR B 278 6.57 -15.56 21.87
CA THR B 278 5.22 -16.04 21.60
C THR B 278 5.01 -17.41 22.25
N VAL B 279 5.97 -18.31 22.08
CA VAL B 279 5.74 -19.67 22.58
C VAL B 279 5.69 -19.67 24.10
N ALA B 280 6.52 -18.84 24.73
CA ALA B 280 6.52 -18.81 26.19
C ALA B 280 5.18 -18.34 26.73
N MET B 281 4.61 -17.28 26.13
CA MET B 281 3.35 -16.78 26.67
C MET B 281 2.20 -17.75 26.43
N LEU B 282 2.29 -18.57 25.40
CA LEU B 282 1.34 -19.66 25.26
C LEU B 282 1.48 -20.64 26.42
N MET B 283 2.71 -21.05 26.70
CA MET B 283 2.97 -21.92 27.84
C MET B 283 2.46 -21.28 29.15
N GLN B 284 2.70 -19.97 29.31
CA GLN B 284 2.22 -19.28 30.50
C GLN B 284 0.70 -19.30 30.58
N SER B 285 0.03 -18.93 29.49
CA SER B 285 -1.42 -18.95 29.48
C SER B 285 -1.95 -20.35 29.77
N THR B 286 -1.24 -21.38 29.30
CA THR B 286 -1.74 -22.74 29.51
C THR B 286 -1.66 -23.10 30.98
N VAL B 287 -0.52 -22.82 31.61
CA VAL B 287 -0.40 -23.00 33.05
C VAL B 287 -1.49 -22.21 33.76
N GLU B 288 -1.67 -20.94 33.36
CA GLU B 288 -2.64 -20.08 34.05
C GLU B 288 -4.04 -20.67 33.99
N SER B 289 -4.41 -21.32 32.88
CA SER B 289 -5.72 -21.95 32.86
C SER B 289 -5.76 -23.28 33.62
N ALA B 290 -4.63 -23.96 33.81
CA ALA B 290 -4.65 -25.15 34.66
C ALA B 290 -4.90 -24.77 36.11
N LYS B 291 -4.29 -23.67 36.57
CA LYS B 291 -4.57 -23.18 37.92
C LYS B 291 -6.03 -22.80 38.07
N ARG B 292 -6.55 -22.00 37.15
CA ARG B 292 -7.94 -21.59 37.29
C ARG B 292 -8.86 -22.80 37.30
N PHE B 293 -8.42 -23.90 36.68
CA PHE B 293 -9.24 -25.11 36.70
C PHE B 293 -9.31 -25.71 38.10
N LEU B 294 -8.18 -25.74 38.81
CA LEU B 294 -8.18 -26.22 40.22
C LEU B 294 -9.14 -25.39 41.08
N GLU B 295 -9.23 -24.08 40.86
CA GLU B 295 -10.21 -23.24 41.58
C GLU B 295 -11.62 -23.30 40.96
N ALA C 1 -22.16 22.99 -18.99
CA ALA C 1 -21.36 22.92 -17.77
C ALA C 1 -20.62 21.58 -17.57
N PRO C 2 -21.31 20.43 -17.55
CA PRO C 2 -20.65 19.19 -17.14
C PRO C 2 -19.71 18.66 -18.22
N ALA C 3 -18.80 17.79 -17.79
CA ALA C 3 -17.89 17.18 -18.75
C ALA C 3 -18.59 16.07 -19.54
N GLU C 4 -18.06 15.80 -20.73
CA GLU C 4 -18.54 14.71 -21.54
C GLU C 4 -17.88 13.41 -21.09
N ILE C 5 -18.65 12.33 -21.15
CA ILE C 5 -18.25 11.04 -20.59
C ILE C 5 -17.57 10.21 -21.66
N LEU C 6 -16.29 9.92 -21.48
CA LEU C 6 -15.59 8.95 -22.32
C LEU C 6 -16.10 7.56 -21.95
N ASN C 7 -17.07 7.04 -22.72
CA ASN C 7 -17.74 5.79 -22.30
C ASN C 7 -16.89 4.56 -22.63
N GLY C 8 -16.06 4.17 -21.67
CA GLY C 8 -15.15 3.05 -21.89
C GLY C 8 -15.85 1.75 -22.25
N LYS C 9 -17.10 1.57 -21.81
CA LYS C 9 -17.85 0.37 -22.14
C LYS C 9 -18.09 0.27 -23.64
N GLU C 10 -18.63 1.33 -24.25
CA GLU C 10 -19.01 1.31 -25.65
C GLU C 10 -17.79 1.34 -26.56
N ILE C 11 -16.81 2.17 -26.22
CA ILE C 11 -15.59 2.30 -27.01
C ILE C 11 -14.82 0.99 -26.99
N SER C 12 -14.80 0.30 -25.86
CA SER C 12 -14.16 -1.01 -25.84
C SER C 12 -14.95 -2.03 -26.66
N ALA C 13 -16.28 -1.90 -26.70
CA ALA C 13 -17.08 -2.84 -27.48
C ALA C 13 -16.80 -2.67 -28.97
N GLN C 14 -16.56 -1.44 -29.43
CA GLN C 14 -16.18 -1.21 -30.82
C GLN C 14 -14.92 -1.99 -31.17
N ILE C 15 -13.86 -1.81 -30.39
CA ILE C 15 -12.58 -2.47 -30.65
C ILE C 15 -12.73 -3.98 -30.61
N ARG C 16 -13.48 -4.51 -29.64
CA ARG C 16 -13.65 -5.96 -29.57
C ARG C 16 -14.41 -6.49 -30.78
N ALA C 17 -15.33 -5.70 -31.34
CA ALA C 17 -16.04 -6.14 -32.54
C ALA C 17 -15.12 -6.13 -33.74
N ARG C 18 -14.31 -5.09 -33.89
CA ARG C 18 -13.35 -5.02 -34.99
C ARG C 18 -12.34 -6.15 -34.90
N LEU C 19 -11.83 -6.41 -33.69
CA LEU C 19 -10.91 -7.54 -33.50
C LEU C 19 -11.60 -8.86 -33.80
N LYS C 20 -12.87 -9.00 -33.43
CA LYS C 20 -13.58 -10.23 -33.74
C LYS C 20 -13.67 -10.44 -35.25
N ASN C 21 -14.14 -9.43 -35.97
CA ASN C 21 -14.31 -9.56 -37.42
C ASN C 21 -12.99 -9.83 -38.13
N GLN C 22 -11.88 -9.55 -37.47
CA GLN C 22 -10.59 -9.73 -38.10
C GLN C 22 -9.99 -11.09 -37.77
N VAL C 23 -10.20 -11.59 -36.55
CA VAL C 23 -9.83 -12.94 -36.17
C VAL C 23 -10.70 -13.97 -36.88
N THR C 24 -11.87 -13.55 -37.36
CA THR C 24 -12.71 -14.41 -38.18
C THR C 24 -12.19 -14.52 -39.62
N GLN C 25 -11.61 -13.45 -40.17
CA GLN C 25 -10.97 -13.56 -41.48
C GLN C 25 -9.61 -14.23 -41.44
N LEU C 26 -9.02 -14.42 -40.25
CA LEU C 26 -7.74 -15.10 -40.14
C LEU C 26 -7.95 -16.61 -40.08
N LYS C 27 -8.91 -17.04 -39.24
CA LYS C 27 -9.33 -18.44 -39.16
C LYS C 27 -10.09 -18.81 -40.43
N GLU C 28 -10.28 -17.83 -41.31
CA GLU C 28 -10.84 -18.06 -42.64
C GLU C 28 -9.78 -18.15 -43.73
N GLN C 29 -8.71 -17.36 -43.64
CA GLN C 29 -7.66 -17.34 -44.66
C GLN C 29 -6.59 -18.38 -44.41
N VAL C 30 -6.23 -18.60 -43.15
CA VAL C 30 -5.20 -19.57 -42.80
C VAL C 30 -5.84 -20.64 -41.92
N PRO C 31 -6.33 -21.71 -42.52
CA PRO C 31 -7.25 -22.61 -41.82
C PRO C 31 -6.56 -23.43 -40.76
N GLY C 32 -7.28 -23.64 -39.65
CA GLY C 32 -6.77 -24.34 -38.49
C GLY C 32 -5.98 -23.47 -37.53
N PHE C 33 -5.82 -22.19 -37.83
CA PHE C 33 -5.03 -21.29 -37.03
C PHE C 33 -5.93 -20.53 -36.06
N THR C 34 -5.37 -20.20 -34.89
CA THR C 34 -6.11 -19.51 -33.87
C THR C 34 -5.15 -18.71 -32.97
N PRO C 35 -5.41 -17.43 -32.74
CA PRO C 35 -4.57 -16.64 -31.85
C PRO C 35 -4.72 -17.14 -30.42
N ARG C 36 -3.59 -17.35 -29.75
CA ARG C 36 -3.60 -18.01 -28.45
C ARG C 36 -2.87 -17.13 -27.45
N LEU C 37 -3.56 -16.79 -26.36
CA LEU C 37 -3.00 -16.07 -25.23
C LEU C 37 -2.96 -17.02 -24.05
N ALA C 38 -1.98 -16.82 -23.16
CA ALA C 38 -1.89 -17.60 -21.93
C ALA C 38 -1.71 -16.65 -20.76
N ILE C 39 -2.45 -16.86 -19.69
CA ILE C 39 -2.34 -16.02 -18.51
C ILE C 39 -1.83 -16.91 -17.40
N LEU C 40 -0.70 -16.54 -16.82
CA LEU C 40 -0.12 -17.28 -15.70
C LEU C 40 -0.50 -16.56 -14.41
N GLN C 41 -1.20 -17.25 -13.54
CA GLN C 41 -1.60 -16.75 -12.23
C GLN C 41 -0.86 -17.54 -11.17
N VAL C 42 -0.27 -16.83 -10.21
CA VAL C 42 0.30 -17.42 -8.99
C VAL C 42 -0.55 -17.02 -7.79
N GLY C 43 -1.13 -18.00 -7.12
CA GLY C 43 -1.96 -17.75 -5.95
C GLY C 43 -3.43 -17.65 -6.30
N ASN C 44 -4.16 -16.98 -5.41
CA ASN C 44 -5.60 -16.93 -5.59
C ASN C 44 -6.23 -15.62 -5.14
N ARG C 45 -5.54 -14.49 -5.34
CA ARG C 45 -6.12 -13.20 -4.98
C ARG C 45 -7.47 -13.02 -5.63
N ASP C 46 -8.44 -12.52 -4.86
CA ASP C 46 -9.81 -12.44 -5.38
C ASP C 46 -9.92 -11.43 -6.52
N ASP C 47 -9.19 -10.31 -6.47
CA ASP C 47 -9.23 -9.39 -7.59
C ASP C 47 -8.57 -9.98 -8.84
N SER C 48 -7.43 -10.66 -8.68
CA SER C 48 -6.77 -11.27 -9.82
C SER C 48 -7.65 -12.34 -10.46
N ASN C 49 -8.48 -13.01 -9.66
CA ASN C 49 -9.46 -13.93 -10.23
C ASN C 49 -10.52 -13.18 -11.02
N LEU C 50 -10.88 -11.98 -10.59
CA LEU C 50 -11.88 -11.21 -11.32
C LEU C 50 -11.33 -10.71 -12.66
N TYR C 51 -10.19 -10.02 -12.65
CA TYR C 51 -9.65 -9.46 -13.89
C TYR C 51 -9.29 -10.55 -14.91
N ILE C 52 -8.71 -11.66 -14.46
CA ILE C 52 -8.37 -12.74 -15.39
C ILE C 52 -9.63 -13.24 -16.10
N ASN C 53 -10.69 -13.44 -15.33
CA ASN C 53 -11.95 -13.95 -15.92
C ASN C 53 -12.50 -12.94 -16.91
N VAL C 54 -12.39 -11.64 -16.63
CA VAL C 54 -12.82 -10.64 -17.62
C VAL C 54 -12.03 -10.77 -18.92
N LYS C 55 -10.73 -11.09 -18.82
CA LYS C 55 -9.90 -11.20 -20.02
C LYS C 55 -10.23 -12.44 -20.83
N LEU C 56 -10.36 -13.59 -20.16
CA LEU C 56 -10.81 -14.80 -20.84
C LEU C 56 -12.15 -14.59 -21.54
N LYS C 57 -13.06 -13.85 -20.92
CA LYS C 57 -14.33 -13.58 -21.58
C LYS C 57 -14.12 -12.78 -22.85
N ALA C 58 -13.28 -11.75 -22.81
CA ALA C 58 -13.02 -10.94 -24.00
C ALA C 58 -12.42 -11.80 -25.10
N ALA C 59 -11.44 -12.64 -24.74
CA ALA C 59 -10.84 -13.54 -25.72
C ALA C 59 -11.91 -14.46 -26.31
N GLU C 60 -12.72 -15.08 -25.46
CA GLU C 60 -13.76 -15.99 -25.94
C GLU C 60 -14.73 -15.31 -26.91
N GLU C 61 -15.04 -14.03 -26.69
CA GLU C 61 -15.97 -13.34 -27.60
C GLU C 61 -15.34 -13.09 -28.96
N ILE C 62 -14.08 -12.62 -28.97
CA ILE C 62 -13.38 -12.30 -30.20
C ILE C 62 -13.01 -13.55 -30.99
N GLY C 63 -12.67 -14.63 -30.30
CA GLY C 63 -12.12 -15.80 -30.96
C GLY C 63 -10.69 -16.13 -30.57
N ILE C 64 -10.06 -15.36 -29.69
CA ILE C 64 -8.73 -15.70 -29.17
C ILE C 64 -8.87 -16.89 -28.24
N LYS C 65 -8.02 -17.88 -28.42
CA LYS C 65 -8.00 -19.03 -27.53
C LYS C 65 -7.17 -18.65 -26.31
N ALA C 66 -7.82 -18.52 -25.16
CA ALA C 66 -7.17 -18.07 -23.94
C ALA C 66 -7.00 -19.22 -22.96
N THR C 67 -5.85 -19.26 -22.27
CA THR C 67 -5.47 -20.33 -21.35
C THR C 67 -5.13 -19.74 -19.99
N HIS C 68 -5.93 -20.10 -18.98
CA HIS C 68 -5.62 -19.76 -17.60
C HIS C 68 -4.76 -20.89 -17.05
N ILE C 69 -3.63 -20.53 -16.45
CA ILE C 69 -2.77 -21.45 -15.72
C ILE C 69 -2.69 -20.93 -14.31
N LYS C 70 -3.30 -21.64 -13.35
CA LYS C 70 -3.29 -21.19 -11.95
C LYS C 70 -2.36 -22.08 -11.12
N LEU C 71 -1.20 -21.52 -10.74
CA LEU C 71 -0.29 -22.18 -9.81
C LEU C 71 -0.71 -21.87 -8.38
N PRO C 72 -0.67 -22.88 -7.49
CA PRO C 72 -1.01 -22.65 -6.09
C PRO C 72 0.05 -21.81 -5.39
N ARG C 73 -0.35 -21.24 -4.25
CA ARG C 73 0.52 -20.34 -3.48
C ARG C 73 1.83 -21.00 -3.06
N THR C 74 1.86 -22.33 -3.00
CA THR C 74 3.07 -23.06 -2.60
C THR C 74 4.18 -23.02 -3.63
N THR C 75 3.90 -22.57 -4.86
CA THR C 75 4.87 -22.59 -5.95
C THR C 75 6.16 -21.87 -5.58
N THR C 76 7.28 -22.52 -5.88
CA THR C 76 8.57 -21.85 -5.74
C THR C 76 8.85 -21.00 -6.96
N GLU C 77 9.92 -20.22 -6.88
CA GLU C 77 10.32 -19.44 -8.05
C GLU C 77 10.74 -20.33 -9.21
N SER C 78 11.52 -21.37 -8.92
CA SER C 78 12.03 -22.22 -10.00
C SER C 78 10.93 -23.03 -10.66
N GLU C 79 9.80 -23.24 -9.98
CA GLU C 79 8.67 -23.87 -10.67
C GLU C 79 7.91 -22.88 -11.55
N VAL C 80 7.90 -21.59 -11.17
CA VAL C 80 7.36 -20.57 -12.05
C VAL C 80 8.21 -20.45 -13.31
N MET C 81 9.53 -20.30 -13.12
CA MET C 81 10.41 -20.18 -14.28
C MET C 81 10.37 -21.42 -15.15
N LYS C 82 10.09 -22.59 -14.57
CA LYS C 82 9.85 -23.76 -15.40
C LYS C 82 8.62 -23.56 -16.29
N TYR C 83 7.57 -22.96 -15.74
CA TYR C 83 6.36 -22.69 -16.54
C TYR C 83 6.60 -21.60 -17.59
N ILE C 84 7.38 -20.58 -17.26
CA ILE C 84 7.55 -19.47 -18.19
C ILE C 84 8.52 -19.83 -19.32
N THR C 85 9.55 -20.63 -19.00
CA THR C 85 10.38 -21.22 -20.04
C THR C 85 9.52 -22.05 -21.02
N SER C 86 8.60 -22.86 -20.48
CA SER C 86 7.71 -23.65 -21.32
C SER C 86 6.87 -22.77 -22.23
N LEU C 87 6.22 -21.76 -21.65
CA LEU C 87 5.37 -20.90 -22.47
C LEU C 87 6.19 -20.18 -23.53
N ASN C 88 7.46 -19.89 -23.24
CA ASN C 88 8.32 -19.27 -24.25
C ASN C 88 8.49 -20.18 -25.46
N GLU C 89 8.71 -21.48 -25.25
CA GLU C 89 9.13 -22.38 -26.31
C GLU C 89 7.96 -23.11 -26.95
N ASP C 90 6.73 -22.80 -26.57
CA ASP C 90 5.58 -23.44 -27.26
C ASP C 90 5.20 -22.51 -28.41
N SER C 91 5.07 -22.95 -29.66
CA SER C 91 4.81 -22.00 -30.78
C SER C 91 3.32 -21.67 -30.87
N THR C 92 2.48 -22.52 -30.31
CA THR C 92 1.01 -22.34 -30.29
C THR C 92 0.66 -21.08 -29.49
N VAL C 93 1.50 -20.69 -28.55
CA VAL C 93 1.20 -19.54 -27.69
C VAL C 93 1.88 -18.30 -28.28
N HIS C 94 1.08 -17.44 -28.89
CA HIS C 94 1.60 -16.22 -29.48
C HIS C 94 1.79 -15.11 -28.47
N GLY C 95 1.17 -15.21 -27.29
CA GLY C 95 1.35 -14.18 -26.28
C GLY C 95 1.00 -14.71 -24.91
N PHE C 96 1.68 -14.19 -23.89
CA PHE C 96 1.29 -14.55 -22.53
C PHE C 96 1.77 -13.48 -21.56
N LEU C 97 1.05 -13.39 -20.45
CA LEU C 97 1.40 -12.40 -19.42
C LEU C 97 1.27 -13.05 -18.04
N VAL C 98 2.03 -12.55 -17.08
CA VAL C 98 1.92 -13.00 -15.70
C VAL C 98 1.07 -12.00 -14.94
N GLN C 99 -0.07 -12.46 -14.43
CA GLN C 99 -0.98 -11.58 -13.70
C GLN C 99 -0.34 -11.16 -12.38
N LEU C 100 -0.21 -9.86 -12.18
CA LEU C 100 0.44 -9.37 -10.97
C LEU C 100 -0.58 -8.83 -9.99
N PRO C 101 -0.22 -8.80 -8.69
CA PRO C 101 1.02 -9.35 -8.11
C PRO C 101 0.89 -10.85 -7.82
N LEU C 102 2.04 -11.51 -7.68
CA LEU C 102 2.06 -12.93 -7.36
C LEU C 102 1.55 -13.15 -5.94
N ASP C 103 0.76 -14.20 -5.75
CA ASP C 103 0.28 -14.60 -4.43
C ASP C 103 0.96 -15.93 -4.09
N SER C 104 2.05 -15.86 -3.31
CA SER C 104 2.79 -17.06 -2.97
C SER C 104 3.08 -17.09 -1.48
N GLU C 105 3.10 -18.29 -0.92
CA GLU C 105 3.71 -18.47 0.41
C GLU C 105 5.19 -18.14 0.36
N ASN C 106 5.89 -18.60 -0.68
CA ASN C 106 7.32 -18.37 -0.84
C ASN C 106 7.54 -17.02 -1.52
N SER C 107 8.71 -16.44 -1.31
CA SER C 107 9.01 -15.13 -1.91
C SER C 107 9.65 -15.36 -3.27
N ILE C 108 8.94 -14.95 -4.32
CA ILE C 108 9.38 -15.10 -5.70
C ILE C 108 9.74 -13.72 -6.24
N ASN C 109 10.97 -13.58 -6.73
CA ASN C 109 11.49 -12.33 -7.29
C ASN C 109 10.71 -11.99 -8.55
N THR C 110 9.83 -11.00 -8.47
CA THR C 110 8.95 -10.67 -9.58
C THR C 110 9.70 -10.19 -10.80
N GLU C 111 10.74 -9.36 -10.61
CA GLU C 111 11.48 -8.86 -11.77
C GLU C 111 12.16 -10.01 -12.51
N GLU C 112 12.70 -10.99 -11.76
CA GLU C 112 13.32 -12.15 -12.38
C GLU C 112 12.33 -12.92 -13.25
N VAL C 113 11.11 -13.05 -12.76
CA VAL C 113 10.09 -13.83 -13.46
C VAL C 113 9.62 -13.10 -14.70
N ILE C 114 9.38 -11.79 -14.59
CA ILE C 114 8.80 -11.06 -15.71
C ILE C 114 9.80 -10.94 -16.84
N ASN C 115 11.04 -10.58 -16.51
CA ASN C 115 12.05 -10.43 -17.55
C ASN C 115 12.46 -11.75 -18.17
N ALA C 116 11.92 -12.87 -17.68
CA ALA C 116 12.12 -14.14 -18.37
C ALA C 116 11.23 -14.28 -19.59
N ILE C 117 10.17 -13.46 -19.72
CA ILE C 117 9.24 -13.64 -20.81
C ILE C 117 9.90 -13.28 -22.15
N ALA C 118 9.65 -14.09 -23.17
CA ALA C 118 10.20 -13.78 -24.49
C ALA C 118 9.65 -12.44 -24.95
N PRO C 119 10.50 -11.42 -25.21
CA PRO C 119 9.97 -10.09 -25.53
C PRO C 119 8.98 -10.07 -26.68
N GLU C 120 8.96 -11.11 -27.49
CA GLU C 120 8.04 -11.16 -28.62
C GLU C 120 6.68 -11.75 -28.24
N LYS C 121 6.54 -12.24 -27.01
CA LYS C 121 5.26 -12.81 -26.53
C LYS C 121 4.79 -12.02 -25.32
N ASP C 122 5.52 -10.97 -24.95
CA ASP C 122 5.23 -10.12 -23.81
C ASP C 122 4.14 -9.09 -24.13
N VAL C 123 2.94 -9.60 -24.43
CA VAL C 123 1.83 -8.76 -24.84
C VAL C 123 1.43 -7.72 -23.80
N ASP C 124 1.95 -7.82 -22.58
CA ASP C 124 1.69 -6.85 -21.54
C ASP C 124 2.75 -5.77 -21.45
N GLY C 125 3.86 -5.88 -22.16
CA GLY C 125 4.87 -4.85 -22.07
C GLY C 125 5.58 -4.78 -20.73
N LEU C 126 5.58 -5.87 -19.95
CA LEU C 126 6.21 -5.83 -18.65
C LEU C 126 7.72 -6.09 -18.66
N THR C 127 8.30 -6.59 -19.75
CA THR C 127 9.74 -6.84 -19.74
C THR C 127 10.56 -5.54 -19.84
N SER C 128 11.75 -5.58 -19.24
CA SER C 128 12.66 -4.43 -19.34
C SER C 128 12.99 -4.09 -20.80
N ILE C 129 13.14 -5.11 -21.64
CA ILE C 129 13.45 -4.86 -23.05
C ILE C 129 12.34 -4.02 -23.69
N ASN C 130 11.09 -4.43 -23.47
CA ASN C 130 9.99 -3.70 -24.06
C ASN C 130 9.82 -2.32 -23.44
N ALA C 131 10.10 -2.18 -22.14
CA ALA C 131 9.92 -0.88 -21.49
C ALA C 131 11.03 0.08 -21.88
N GLY C 132 12.26 -0.42 -22.03
CA GLY C 132 13.33 0.43 -22.53
C GLY C 132 13.05 0.94 -23.93
N ARG C 133 12.54 0.07 -24.80
CA ARG C 133 12.21 0.50 -26.16
C ARG C 133 11.14 1.59 -26.14
N LEU C 134 10.13 1.48 -25.26
CA LEU C 134 9.12 2.54 -25.12
C LEU C 134 9.72 3.79 -24.51
N ALA C 135 10.53 3.65 -23.47
CA ALA C 135 10.97 4.84 -22.78
C ALA C 135 11.98 5.65 -23.58
N ARG C 136 12.49 5.12 -24.69
CA ARG C 136 13.42 5.87 -25.52
C ARG C 136 12.85 6.18 -26.91
N GLY C 137 11.56 5.92 -27.14
CA GLY C 137 10.88 6.41 -28.32
C GLY C 137 10.54 5.38 -29.38
N ASP C 138 11.08 4.17 -29.30
CA ASP C 138 10.96 3.18 -30.38
C ASP C 138 9.64 2.41 -30.29
N LEU C 139 8.53 3.14 -30.41
CA LEU C 139 7.21 2.59 -30.09
C LEU C 139 6.77 1.46 -31.02
N ASN C 140 7.40 1.33 -32.19
CA ASN C 140 7.03 0.28 -33.16
C ASN C 140 7.87 -0.97 -33.01
N ASP C 141 8.87 -0.93 -32.14
CA ASP C 141 9.70 -2.07 -31.81
C ASP C 141 9.27 -2.77 -30.52
N CYS C 142 8.10 -2.44 -29.96
CA CYS C 142 7.79 -2.96 -28.63
C CYS C 142 6.29 -3.12 -28.41
N PHE C 143 5.97 -3.90 -27.38
CA PHE C 143 4.62 -3.99 -26.83
C PHE C 143 4.43 -2.91 -25.78
N ILE C 144 3.38 -2.11 -25.96
CA ILE C 144 3.08 -1.06 -24.99
C ILE C 144 2.11 -1.65 -23.96
N PRO C 145 2.26 -1.32 -22.67
CA PRO C 145 1.33 -1.83 -21.65
C PRO C 145 -0.11 -1.44 -21.96
N CYS C 146 -1.02 -2.35 -21.61
CA CYS C 146 -2.40 -2.28 -22.07
C CYS C 146 -3.18 -1.14 -21.42
N THR C 147 -2.94 -0.87 -20.13
CA THR C 147 -3.60 0.27 -19.51
C THR C 147 -3.15 1.60 -20.10
N PRO C 148 -1.85 1.91 -20.23
CA PRO C 148 -1.48 3.12 -20.99
C PRO C 148 -2.03 3.14 -22.41
N LYS C 149 -2.05 1.98 -23.11
CA LYS C 149 -2.60 1.92 -24.46
C LYS C 149 -4.05 2.38 -24.47
N GLY C 150 -4.89 1.78 -23.61
CA GLY C 150 -6.29 2.16 -23.54
C GLY C 150 -6.50 3.61 -23.17
N CYS C 151 -5.65 4.15 -22.30
CA CYS C 151 -5.75 5.55 -21.93
C CYS C 151 -5.56 6.46 -23.13
N LEU C 152 -4.55 6.16 -23.95
CA LEU C 152 -4.26 6.98 -25.12
C LEU C 152 -5.42 6.94 -26.11
N GLU C 153 -6.09 5.80 -26.25
CA GLU C 153 -7.23 5.74 -27.16
C GLU C 153 -8.38 6.57 -26.63
N LEU C 154 -8.63 6.50 -25.31
CA LEU C 154 -9.70 7.29 -24.72
C LEU C 154 -9.47 8.78 -24.95
N ILE C 155 -8.21 9.23 -24.85
CA ILE C 155 -7.87 10.62 -25.16
C ILE C 155 -8.13 10.92 -26.63
N LYS C 156 -7.59 10.09 -27.53
CA LYS C 156 -7.80 10.37 -28.94
C LYS C 156 -9.29 10.45 -29.28
N GLU C 157 -10.14 9.72 -28.54
CA GLU C 157 -11.58 9.82 -28.73
C GLU C 157 -12.08 11.26 -28.60
N THR C 158 -11.42 12.07 -27.78
CA THR C 158 -11.89 13.44 -27.62
C THR C 158 -11.76 14.25 -28.91
N GLY C 159 -10.86 13.87 -29.81
CA GLY C 159 -10.56 14.67 -30.98
C GLY C 159 -9.60 15.83 -30.74
N VAL C 160 -9.16 16.03 -29.50
CA VAL C 160 -8.27 17.13 -29.17
C VAL C 160 -6.83 16.65 -29.38
N PRO C 161 -6.05 17.30 -30.23
CA PRO C 161 -4.69 16.80 -30.51
C PRO C 161 -3.85 16.80 -29.25
N ILE C 162 -3.04 15.74 -29.10
CA ILE C 162 -2.19 15.62 -27.93
C ILE C 162 -1.01 16.57 -28.03
N ALA C 163 -0.52 16.78 -29.24
CA ALA C 163 0.74 17.48 -29.42
C ALA C 163 0.68 18.89 -28.83
N GLY C 164 1.70 19.23 -28.04
CA GLY C 164 1.82 20.55 -27.47
C GLY C 164 1.07 20.78 -26.16
N ARG C 165 0.15 19.89 -25.78
CA ARG C 165 -0.57 19.99 -24.52
C ARG C 165 0.33 19.64 -23.34
N HIS C 166 -0.03 20.17 -22.17
CA HIS C 166 0.66 19.81 -20.92
C HIS C 166 -0.10 18.65 -20.26
N ALA C 167 0.54 17.49 -20.17
CA ALA C 167 -0.06 16.32 -19.56
C ALA C 167 0.59 16.08 -18.21
N VAL C 168 -0.25 15.76 -17.22
CA VAL C 168 0.19 15.40 -15.88
C VAL C 168 -0.16 13.94 -15.65
N VAL C 169 0.84 13.16 -15.28
CA VAL C 169 0.63 11.77 -14.92
C VAL C 169 0.85 11.66 -13.42
N VAL C 170 -0.15 11.14 -12.71
CA VAL C 170 -0.07 10.98 -11.26
C VAL C 170 0.16 9.51 -10.97
N GLY C 171 1.33 9.19 -10.46
CA GLY C 171 1.75 7.82 -10.33
C GLY C 171 2.81 7.48 -11.37
N ARG C 172 3.75 6.63 -10.97
CA ARG C 172 4.87 6.26 -11.84
C ARG C 172 5.08 4.75 -11.81
N SER C 173 4.03 3.98 -11.59
CA SER C 173 4.18 2.55 -11.44
C SER C 173 4.55 1.90 -12.77
N LYS C 174 5.10 0.69 -12.67
CA LYS C 174 5.62 -0.01 -13.82
C LYS C 174 4.52 -0.46 -14.77
N ILE C 175 3.34 -0.77 -14.23
CA ILE C 175 2.22 -1.20 -15.05
C ILE C 175 1.41 -0.04 -15.62
N VAL C 176 1.46 1.15 -14.99
CA VAL C 176 0.60 2.26 -15.43
C VAL C 176 1.33 3.58 -15.59
N GLY C 177 1.95 4.04 -14.51
CA GLY C 177 2.51 5.38 -14.47
C GLY C 177 3.62 5.63 -15.46
N ALA C 178 4.73 4.90 -15.29
CA ALA C 178 5.90 5.12 -16.14
C ALA C 178 5.57 4.89 -17.61
N PRO C 179 5.00 3.75 -18.03
CA PRO C 179 4.63 3.62 -19.44
C PRO C 179 3.68 4.72 -19.90
N MET C 180 2.87 5.30 -19.01
CA MET C 180 2.00 6.38 -19.48
C MET C 180 2.75 7.68 -19.68
N HIS C 181 3.71 7.99 -18.80
CA HIS C 181 4.59 9.13 -19.08
C HIS C 181 5.21 9.00 -20.46
N ASP C 182 5.84 7.85 -20.73
CA ASP C 182 6.52 7.63 -22.00
C ASP C 182 5.57 7.80 -23.18
N LEU C 183 4.40 7.15 -23.11
CA LEU C 183 3.46 7.18 -24.24
C LEU C 183 3.01 8.60 -24.57
N LEU C 184 2.79 9.42 -23.54
CA LEU C 184 2.39 10.80 -23.77
C LEU C 184 3.56 11.60 -24.33
N LEU C 185 4.75 11.35 -23.80
CA LEU C 185 5.93 12.12 -24.18
C LEU C 185 6.19 11.98 -25.67
N TRP C 186 5.96 10.78 -26.22
CA TRP C 186 6.27 10.53 -27.60
C TRP C 186 5.06 10.67 -28.51
N ASN C 187 3.90 11.00 -27.97
CA ASN C 187 2.86 11.64 -28.75
C ASN C 187 3.01 13.18 -28.68
N ASN C 188 4.14 13.64 -28.14
CA ASN C 188 4.58 15.05 -28.17
C ASN C 188 3.77 15.96 -27.25
N ALA C 189 3.27 15.41 -26.15
CA ALA C 189 2.83 16.29 -25.08
C ALA C 189 4.02 16.74 -24.25
N THR C 190 3.87 17.86 -23.56
CA THR C 190 4.79 18.17 -22.47
C THR C 190 4.26 17.47 -21.24
N VAL C 191 5.14 16.77 -20.50
CA VAL C 191 4.72 15.83 -19.45
C VAL C 191 5.39 16.15 -18.11
N THR C 192 4.58 16.25 -17.06
CA THR C 192 5.02 16.32 -15.68
C THR C 192 4.59 15.04 -14.96
N THR C 193 5.52 14.39 -14.28
CA THR C 193 5.21 13.15 -13.57
C THR C 193 5.15 13.39 -12.07
N CYS C 194 4.06 12.94 -11.45
CA CYS C 194 3.75 13.15 -10.05
C CYS C 194 3.71 11.83 -9.28
N HIS C 195 4.11 11.88 -8.01
CA HIS C 195 4.21 10.67 -7.19
C HIS C 195 4.11 11.06 -5.70
N SER C 196 4.27 10.06 -4.84
CA SER C 196 3.95 10.19 -3.41
C SER C 196 4.77 11.26 -2.69
N LYS C 197 5.84 11.77 -3.29
CA LYS C 197 6.69 12.80 -2.72
C LYS C 197 6.57 14.13 -3.45
N THR C 198 5.61 14.26 -4.34
CA THR C 198 5.38 15.52 -5.03
C THR C 198 4.81 16.53 -4.04
N ALA C 199 5.47 17.67 -3.92
CA ALA C 199 4.93 18.79 -3.15
C ALA C 199 3.84 19.48 -3.95
N HIS C 200 2.94 20.13 -3.24
CA HIS C 200 1.81 20.85 -3.84
C HIS C 200 1.21 20.07 -5.00
N LEU C 201 0.77 18.85 -4.69
CA LEU C 201 0.15 18.02 -5.71
C LEU C 201 -1.04 18.75 -6.33
N ASP C 202 -1.81 19.48 -5.52
CA ASP C 202 -2.94 20.24 -6.05
C ASP C 202 -2.47 21.17 -7.17
N GLU C 203 -1.35 21.88 -6.95
CA GLU C 203 -0.90 22.86 -7.93
C GLU C 203 -0.32 22.20 -9.18
N GLU C 204 0.30 21.02 -9.03
CA GLU C 204 0.79 20.29 -10.19
C GLU C 204 -0.36 19.79 -11.04
N VAL C 205 -1.42 19.30 -10.39
CA VAL C 205 -2.57 18.73 -11.08
C VAL C 205 -3.26 19.80 -11.91
N ASN C 206 -3.19 21.05 -11.46
CA ASN C 206 -3.90 22.13 -12.09
C ASN C 206 -3.22 22.60 -13.36
N LYS C 207 -1.94 22.24 -13.55
CA LYS C 207 -1.25 22.47 -14.82
C LYS C 207 -1.69 21.50 -15.90
N GLY C 208 -2.53 20.52 -15.59
CA GLY C 208 -2.75 19.44 -16.52
C GLY C 208 -3.80 19.69 -17.56
N ASP C 209 -3.38 19.99 -18.80
CA ASP C 209 -4.32 19.98 -19.92
C ASP C 209 -4.89 18.58 -20.10
N ILE C 210 -4.03 17.60 -20.04
CA ILE C 210 -4.38 16.19 -19.97
C ILE C 210 -3.99 15.74 -18.58
N LEU C 211 -4.87 14.97 -17.92
CA LEU C 211 -4.58 14.45 -16.60
C LEU C 211 -4.87 12.96 -16.59
N VAL C 212 -3.87 12.17 -16.22
CA VAL C 212 -4.00 10.72 -16.07
C VAL C 212 -3.56 10.36 -14.66
N VAL C 213 -4.49 9.83 -13.88
CA VAL C 213 -4.27 9.59 -12.45
C VAL C 213 -4.32 8.09 -12.21
N ALA C 214 -3.25 7.56 -11.60
CA ALA C 214 -3.19 6.14 -11.28
C ALA C 214 -2.46 6.02 -9.95
N THR C 215 -3.22 6.05 -8.86
CA THR C 215 -2.61 6.06 -7.55
C THR C 215 -3.11 4.94 -6.65
N GLY C 216 -4.31 4.44 -6.88
CA GLY C 216 -4.91 3.53 -5.91
C GLY C 216 -5.15 4.18 -4.58
N GLN C 217 -5.61 5.44 -4.58
CA GLN C 217 -6.06 6.14 -3.38
C GLN C 217 -7.40 6.77 -3.71
N PRO C 218 -8.48 6.34 -3.06
CA PRO C 218 -9.84 6.56 -3.62
C PRO C 218 -10.28 8.02 -3.58
N GLU C 219 -10.60 8.58 -4.76
CA GLU C 219 -11.00 10.00 -4.91
C GLU C 219 -10.05 10.96 -4.22
N MET C 220 -8.76 10.66 -4.26
CA MET C 220 -7.78 11.54 -3.64
C MET C 220 -7.52 12.79 -4.46
N VAL C 221 -7.62 12.72 -5.78
CA VAL C 221 -7.39 13.91 -6.61
C VAL C 221 -8.69 14.70 -6.63
N LYS C 222 -8.69 15.86 -5.96
CA LYS C 222 -9.91 16.64 -5.79
C LYS C 222 -10.24 17.37 -7.07
N GLY C 223 -11.54 17.40 -7.40
CA GLY C 223 -12.01 18.10 -8.58
C GLY C 223 -11.66 19.56 -8.58
N GLU C 224 -11.43 20.13 -7.41
CA GLU C 224 -11.00 21.52 -7.30
C GLU C 224 -9.57 21.74 -7.80
N TRP C 225 -8.79 20.67 -7.97
CA TRP C 225 -7.45 20.81 -8.52
C TRP C 225 -7.43 20.77 -10.04
N ILE C 226 -8.51 20.30 -10.65
CA ILE C 226 -8.51 20.08 -12.09
C ILE C 226 -8.33 21.41 -12.81
N LYS C 227 -7.49 21.40 -13.82
CA LYS C 227 -7.44 22.54 -14.70
C LYS C 227 -8.78 22.61 -15.39
N PRO C 228 -9.45 23.77 -15.38
CA PRO C 228 -10.74 23.85 -16.08
C PRO C 228 -10.56 23.49 -17.54
N GLY C 229 -11.40 22.60 -18.04
CA GLY C 229 -11.30 22.21 -19.43
C GLY C 229 -10.36 21.06 -19.71
N ALA C 230 -9.93 20.31 -18.69
CA ALA C 230 -8.97 19.25 -18.90
C ALA C 230 -9.63 17.96 -19.41
N ILE C 231 -8.79 17.10 -19.98
CA ILE C 231 -9.15 15.73 -20.31
C ILE C 231 -8.70 14.85 -19.14
N VAL C 232 -9.65 14.26 -18.42
CA VAL C 232 -9.32 13.57 -17.17
C VAL C 232 -9.53 12.07 -17.39
N ILE C 233 -8.48 11.30 -17.13
CA ILE C 233 -8.47 9.86 -17.35
C ILE C 233 -8.19 9.22 -16.00
N ASP C 234 -9.16 8.52 -15.46
CA ASP C 234 -9.02 7.93 -14.11
C ASP C 234 -8.84 6.42 -14.23
N CYS C 235 -7.61 5.95 -13.99
CA CYS C 235 -7.30 4.51 -13.98
C CYS C 235 -7.65 3.82 -12.66
N GLY C 236 -7.93 4.56 -11.59
CA GLY C 236 -8.17 3.93 -10.31
C GLY C 236 -9.28 2.90 -10.32
N ILE C 237 -9.04 1.74 -9.69
CA ILE C 237 -10.10 0.81 -9.34
C ILE C 237 -9.92 0.43 -7.87
N ASN C 238 -10.56 1.19 -6.97
CA ASN C 238 -10.57 0.94 -5.54
C ASN C 238 -11.93 0.37 -5.13
N TYR C 239 -11.91 -0.70 -4.33
CA TYR C 239 -13.12 -1.26 -3.71
C TYR C 239 -13.17 -0.74 -2.27
N VAL C 240 -14.17 0.08 -1.98
CA VAL C 240 -14.30 0.71 -0.67
C VAL C 240 -15.51 0.11 0.03
N PRO C 241 -15.39 -0.25 1.31
CA PRO C 241 -16.46 -0.98 2.00
C PRO C 241 -17.77 -0.21 1.99
N ASP C 242 -18.86 -0.95 1.73
CA ASP C 242 -20.18 -0.34 1.68
C ASP C 242 -21.18 -1.36 2.24
N ASP C 243 -21.72 -1.06 3.43
CA ASP C 243 -22.62 -2.00 4.08
C ASP C 243 -23.98 -2.08 3.38
N LYS C 244 -24.29 -1.12 2.51
CA LYS C 244 -25.44 -1.29 1.62
C LYS C 244 -25.07 -2.24 0.45
N GLY C 248 -21.16 -6.56 -1.64
CA GLY C 248 -20.13 -6.36 -0.63
C GLY C 248 -19.57 -4.94 -0.54
N ARG C 249 -19.39 -4.26 -1.68
CA ARG C 249 -18.74 -2.96 -1.69
C ARG C 249 -19.01 -2.24 -3.00
N LYS C 250 -18.43 -1.05 -3.15
CA LYS C 250 -18.57 -0.25 -4.37
C LYS C 250 -17.20 0.09 -4.95
N VAL C 251 -17.19 0.40 -6.25
CA VAL C 251 -15.95 0.69 -6.99
C VAL C 251 -15.82 2.20 -7.17
N VAL C 252 -14.71 2.79 -6.73
CA VAL C 252 -14.50 4.23 -6.93
C VAL C 252 -13.13 4.45 -7.54
N GLY C 253 -13.05 5.47 -8.40
CA GLY C 253 -11.80 5.82 -9.05
C GLY C 253 -10.86 6.55 -8.13
N ASP C 254 -9.70 6.93 -8.69
CA ASP C 254 -8.73 7.76 -7.98
C ASP C 254 -9.05 9.24 -8.05
N VAL C 255 -10.12 9.64 -8.74
CA VAL C 255 -10.49 11.05 -8.86
C VAL C 255 -11.88 11.28 -8.28
N ALA C 256 -12.07 12.42 -7.59
CA ALA C 256 -13.38 12.79 -7.07
C ALA C 256 -14.29 13.19 -8.22
N TYR C 257 -15.06 12.22 -8.73
CA TYR C 257 -15.76 12.38 -10.00
C TYR C 257 -16.77 13.53 -9.98
N ASP C 258 -17.55 13.63 -8.90
CA ASP C 258 -18.69 14.54 -8.89
C ASP C 258 -18.27 16.00 -9.02
N GLU C 259 -17.15 16.37 -8.41
CA GLU C 259 -16.60 17.70 -8.66
C GLU C 259 -15.80 17.74 -9.96
N ALA C 260 -15.10 16.65 -10.30
CA ALA C 260 -14.20 16.67 -11.46
C ALA C 260 -14.97 16.86 -12.76
N LYS C 261 -16.14 16.22 -12.89
CA LYS C 261 -16.94 16.40 -14.10
C LYS C 261 -17.45 17.83 -14.28
N GLU C 262 -17.35 18.68 -13.26
CA GLU C 262 -17.76 20.06 -13.41
C GLU C 262 -16.65 20.95 -13.94
N ARG C 263 -15.39 20.54 -13.82
CA ARG C 263 -14.30 21.35 -14.34
C ARG C 263 -13.69 20.77 -15.62
N ALA C 264 -13.73 19.47 -15.80
CA ALA C 264 -13.19 18.85 -17.00
C ALA C 264 -14.10 19.09 -18.20
N SER C 265 -13.53 18.91 -19.39
CA SER C 265 -14.34 18.81 -20.61
C SER C 265 -14.59 17.37 -21.03
N PHE C 266 -13.72 16.44 -20.64
CA PHE C 266 -13.92 15.00 -20.81
C PHE C 266 -13.45 14.30 -19.56
N ILE C 267 -14.09 13.18 -19.24
CA ILE C 267 -13.78 12.43 -18.02
C ILE C 267 -14.27 11.01 -18.20
N THR C 268 -13.46 10.03 -17.73
CA THR C 268 -13.81 8.61 -17.73
C THR C 268 -14.61 8.25 -16.48
N PRO C 269 -15.68 7.49 -16.59
CA PRO C 269 -16.37 6.98 -15.40
C PRO C 269 -15.61 5.81 -14.79
N VAL C 270 -15.95 5.50 -13.53
CA VAL C 270 -15.36 4.36 -12.84
C VAL C 270 -16.50 3.65 -12.11
N PRO C 271 -16.85 2.42 -12.49
CA PRO C 271 -16.23 1.57 -13.50
C PRO C 271 -16.70 1.91 -14.91
N GLY C 272 -16.41 1.05 -15.89
CA GLY C 272 -16.88 1.25 -17.26
C GLY C 272 -16.08 2.23 -18.08
N GLY C 273 -14.88 2.60 -17.64
CA GLY C 273 -14.03 3.48 -18.41
C GLY C 273 -12.71 2.85 -18.82
N VAL C 274 -11.61 3.27 -18.18
CA VAL C 274 -10.30 2.70 -18.47
C VAL C 274 -10.30 1.19 -18.34
N GLY C 275 -11.06 0.65 -17.39
CA GLY C 275 -11.10 -0.76 -17.14
C GLY C 275 -11.25 -1.61 -18.39
N PRO C 276 -12.42 -1.55 -19.05
CA PRO C 276 -12.60 -2.34 -20.28
C PRO C 276 -11.61 -1.99 -21.38
N MET C 277 -11.11 -0.74 -21.41
CA MET C 277 -10.14 -0.35 -22.41
C MET C 277 -8.85 -1.17 -22.27
N THR C 278 -8.34 -1.27 -21.03
CA THR C 278 -7.18 -2.12 -20.77
C THR C 278 -7.39 -3.53 -21.30
N VAL C 279 -8.57 -4.10 -21.04
CA VAL C 279 -8.85 -5.46 -21.47
C VAL C 279 -8.82 -5.54 -22.99
N ALA C 280 -9.51 -4.62 -23.68
CA ALA C 280 -9.60 -4.70 -25.13
C ALA C 280 -8.25 -4.47 -25.80
N MET C 281 -7.40 -3.65 -25.19
CA MET C 281 -6.08 -3.38 -25.74
C MET C 281 -5.21 -4.63 -25.67
N LEU C 282 -5.34 -5.42 -24.59
CA LEU C 282 -4.59 -6.66 -24.50
C LEU C 282 -5.05 -7.65 -25.56
N MET C 283 -6.35 -7.65 -25.88
CA MET C 283 -6.88 -8.48 -26.95
C MET C 283 -6.34 -8.04 -28.30
N GLN C 284 -6.12 -6.73 -28.49
CA GLN C 284 -5.54 -6.19 -29.71
C GLN C 284 -4.05 -6.51 -29.83
N SER C 285 -3.29 -6.34 -28.74
CA SER C 285 -1.90 -6.77 -28.74
C SER C 285 -1.78 -8.26 -29.04
N THR C 286 -2.66 -9.08 -28.48
CA THR C 286 -2.59 -10.53 -28.71
C THR C 286 -2.84 -10.86 -30.17
N VAL C 287 -3.80 -10.17 -30.79
CA VAL C 287 -4.06 -10.41 -32.21
C VAL C 287 -2.89 -9.94 -33.04
N GLU C 288 -2.27 -8.82 -32.67
CA GLU C 288 -1.11 -8.35 -33.41
C GLU C 288 0.03 -9.34 -33.34
N SER C 289 0.30 -9.90 -32.16
CA SER C 289 1.41 -10.84 -32.04
C SER C 289 1.14 -12.10 -32.87
N ALA C 290 -0.10 -12.59 -32.85
CA ALA C 290 -0.42 -13.77 -33.67
C ALA C 290 -0.22 -13.49 -35.16
N LYS C 291 -0.61 -12.30 -35.62
CA LYS C 291 -0.38 -11.88 -37.00
C LYS C 291 1.12 -11.77 -37.29
N ARG C 292 1.87 -11.21 -36.36
CA ARG C 292 3.30 -11.06 -36.55
C ARG C 292 3.95 -12.42 -36.71
N PHE C 293 3.48 -13.39 -35.93
CA PHE C 293 4.02 -14.74 -35.95
C PHE C 293 3.71 -15.46 -37.27
N LEU C 294 2.55 -15.18 -37.88
CA LEU C 294 2.25 -15.75 -39.18
C LEU C 294 3.22 -15.27 -40.25
N GLU C 295 3.75 -14.05 -40.11
CA GLU C 295 4.58 -13.44 -41.14
C GLU C 295 6.06 -13.58 -40.78
N PRO D 2 24.31 36.53 -7.51
CA PRO D 2 25.11 35.90 -8.57
C PRO D 2 25.39 34.42 -8.29
N ALA D 3 25.39 33.61 -9.36
CA ALA D 3 25.45 32.17 -9.20
C ALA D 3 26.81 31.70 -8.68
N GLU D 4 26.82 30.58 -7.96
CA GLU D 4 28.05 29.89 -7.60
C GLU D 4 28.36 28.92 -8.73
N ILE D 5 29.63 28.81 -9.10
CA ILE D 5 30.02 28.05 -10.28
C ILE D 5 30.27 26.60 -9.88
N LEU D 6 29.59 25.67 -10.55
CA LEU D 6 29.92 24.25 -10.40
C LEU D 6 31.13 23.94 -11.27
N ASN D 7 32.20 23.47 -10.65
CA ASN D 7 33.47 23.30 -11.36
C ASN D 7 33.58 21.85 -11.81
N GLY D 8 33.15 21.59 -13.04
CA GLY D 8 33.26 20.24 -13.59
C GLY D 8 34.69 19.77 -13.71
N LYS D 9 35.59 20.66 -14.19
CA LYS D 9 37.00 20.28 -14.30
C LYS D 9 37.57 19.90 -12.95
N GLU D 10 37.24 20.68 -11.90
CA GLU D 10 37.70 20.41 -10.54
C GLU D 10 37.10 19.13 -9.98
N ILE D 11 35.77 19.01 -10.09
CA ILE D 11 35.06 17.90 -9.47
C ILE D 11 35.39 16.60 -10.20
N SER D 12 35.46 16.65 -11.53
CA SER D 12 35.85 15.48 -12.31
C SER D 12 37.24 14.99 -11.92
N ALA D 13 38.18 15.91 -11.66
CA ALA D 13 39.51 15.48 -11.25
C ALA D 13 39.49 14.79 -9.89
N GLN D 14 38.63 15.25 -8.99
CA GLN D 14 38.50 14.58 -7.70
C GLN D 14 38.06 13.13 -7.89
N ILE D 15 37.07 12.91 -8.76
CA ILE D 15 36.61 11.55 -9.01
C ILE D 15 37.73 10.71 -9.60
N ARG D 16 38.36 11.22 -10.66
CA ARG D 16 39.45 10.46 -11.33
C ARG D 16 40.53 10.14 -10.30
N ALA D 17 40.86 11.08 -9.41
CA ALA D 17 41.80 10.78 -8.35
C ALA D 17 41.30 9.65 -7.46
N ARG D 18 40.01 9.68 -7.10
CA ARG D 18 39.47 8.63 -6.25
C ARG D 18 39.54 7.29 -6.96
N LEU D 19 39.11 7.26 -8.23
CA LEU D 19 39.19 6.03 -9.01
C LEU D 19 40.63 5.58 -9.24
N LYS D 20 41.58 6.52 -9.31
CA LYS D 20 42.98 6.15 -9.46
C LYS D 20 43.48 5.36 -8.26
N ASN D 21 43.17 5.80 -7.05
CA ASN D 21 43.52 5.00 -5.89
C ASN D 21 42.76 3.69 -5.87
N GLN D 22 41.46 3.73 -6.22
CA GLN D 22 40.67 2.51 -6.31
C GLN D 22 41.34 1.47 -7.21
N VAL D 23 41.89 1.92 -8.35
CA VAL D 23 42.56 1.02 -9.28
C VAL D 23 43.89 0.54 -8.71
N THR D 24 44.64 1.46 -8.08
CA THR D 24 45.87 1.05 -7.43
C THR D 24 45.59 0.00 -6.36
N GLN D 25 44.50 0.18 -5.61
CA GLN D 25 44.10 -0.78 -4.60
C GLN D 25 43.74 -2.13 -5.23
N LEU D 26 42.98 -2.09 -6.33
CA LEU D 26 42.59 -3.33 -6.99
C LEU D 26 43.81 -4.08 -7.56
N LYS D 27 44.83 -3.35 -8.01
CA LYS D 27 46.04 -4.00 -8.52
C LYS D 27 46.86 -4.61 -7.38
N GLU D 28 47.04 -3.88 -6.28
CA GLU D 28 47.78 -4.44 -5.15
C GLU D 28 47.07 -5.69 -4.59
N GLN D 29 45.74 -5.67 -4.52
CA GLN D 29 44.97 -6.79 -3.97
C GLN D 29 44.86 -7.95 -4.95
N VAL D 30 44.80 -7.65 -6.24
CA VAL D 30 44.75 -8.72 -7.28
C VAL D 30 45.92 -8.51 -8.22
N PRO D 31 47.08 -9.14 -7.96
CA PRO D 31 48.23 -9.05 -8.87
C PRO D 31 47.88 -9.51 -10.30
N GLY D 32 48.31 -8.74 -11.30
CA GLY D 32 48.04 -9.10 -12.70
C GLY D 32 46.67 -8.67 -13.19
N PHE D 33 45.98 -7.78 -12.47
CA PHE D 33 44.62 -7.44 -12.92
C PHE D 33 44.44 -5.94 -13.11
N THR D 34 43.79 -5.56 -14.20
CA THR D 34 43.50 -4.18 -14.51
C THR D 34 42.14 -4.11 -15.17
N PRO D 35 41.42 -2.99 -15.00
CA PRO D 35 40.14 -2.83 -15.71
C PRO D 35 40.38 -2.45 -17.16
N ARG D 36 39.55 -3.06 -18.01
CA ARG D 36 39.72 -2.91 -19.46
C ARG D 36 38.44 -2.43 -20.16
N LEU D 37 38.52 -1.27 -20.78
CA LEU D 37 37.46 -0.63 -21.57
C LEU D 37 37.74 -0.83 -23.06
N ALA D 38 36.70 -0.62 -23.87
CA ALA D 38 36.88 -0.72 -25.32
C ALA D 38 35.88 0.19 -26.01
N ILE D 39 36.38 1.08 -26.85
CA ILE D 39 35.55 2.03 -27.57
C ILE D 39 35.59 1.68 -29.03
N LEU D 40 34.43 1.34 -29.59
CA LEU D 40 34.32 0.97 -31.00
C LEU D 40 33.76 2.17 -31.77
N GLN D 41 34.37 2.48 -32.90
CA GLN D 41 33.94 3.63 -33.71
C GLN D 41 33.77 3.23 -35.16
N VAL D 42 32.70 3.72 -35.78
CA VAL D 42 32.48 3.57 -37.21
C VAL D 42 32.67 4.93 -37.87
N GLY D 43 33.45 4.97 -38.93
CA GLY D 43 33.66 6.21 -39.65
C GLY D 43 34.82 7.02 -39.10
N ASN D 44 34.81 8.32 -39.44
CA ASN D 44 35.93 9.19 -39.09
C ASN D 44 35.50 10.61 -38.74
N ARG D 45 34.33 10.80 -38.12
CA ARG D 45 33.92 12.15 -37.73
C ARG D 45 34.94 12.77 -36.78
N ASP D 46 35.07 14.10 -36.88
CA ASP D 46 36.10 14.78 -36.11
C ASP D 46 35.74 14.88 -34.63
N ASP D 47 34.47 15.21 -34.32
CA ASP D 47 34.09 15.34 -32.92
C ASP D 47 34.21 14.02 -32.18
N SER D 48 33.92 12.90 -32.85
CA SER D 48 34.13 11.62 -32.21
C SER D 48 35.61 11.34 -32.01
N ASN D 49 36.47 11.82 -32.92
CA ASN D 49 37.91 11.67 -32.70
C ASN D 49 38.36 12.44 -31.46
N LEU D 50 37.85 13.67 -31.29
CA LEU D 50 38.24 14.48 -30.13
C LEU D 50 37.79 13.84 -28.84
N TYR D 51 36.50 13.51 -28.73
CA TYR D 51 35.98 13.04 -27.46
C TYR D 51 36.48 11.65 -27.14
N ILE D 52 36.60 10.78 -28.17
CA ILE D 52 37.16 9.45 -27.92
C ILE D 52 38.56 9.59 -27.37
N ASN D 53 39.34 10.51 -27.93
CA ASN D 53 40.68 10.73 -27.44
C ASN D 53 40.66 11.19 -25.98
N VAL D 54 39.72 12.06 -25.62
CA VAL D 54 39.65 12.53 -24.24
C VAL D 54 39.31 11.38 -23.30
N LYS D 55 38.35 10.55 -23.69
CA LYS D 55 38.07 9.36 -22.90
C LYS D 55 39.32 8.49 -22.79
N LEU D 56 39.97 8.21 -23.92
CA LEU D 56 41.21 7.45 -23.91
C LEU D 56 42.21 8.07 -22.95
N LYS D 57 42.32 9.40 -22.97
CA LYS D 57 43.24 10.10 -22.10
C LYS D 57 42.98 9.74 -20.64
N ALA D 58 41.78 10.08 -20.16
CA ALA D 58 41.48 9.93 -18.73
C ALA D 58 41.55 8.48 -18.29
N ALA D 59 41.25 7.53 -19.18
CA ALA D 59 41.48 6.12 -18.84
C ALA D 59 42.93 5.88 -18.44
N GLU D 60 43.87 6.63 -19.02
CA GLU D 60 45.29 6.38 -18.79
C GLU D 60 45.77 7.02 -17.50
N GLU D 61 45.20 8.17 -17.15
CA GLU D 61 45.46 8.72 -15.82
C GLU D 61 45.02 7.73 -14.75
N ILE D 62 43.82 7.19 -14.88
CA ILE D 62 43.27 6.36 -13.83
C ILE D 62 43.97 5.01 -13.74
N GLY D 63 44.39 4.48 -14.87
CA GLY D 63 44.90 3.13 -14.92
C GLY D 63 43.98 2.13 -15.59
N ILE D 64 42.99 2.58 -16.35
CA ILE D 64 42.12 1.70 -17.11
C ILE D 64 42.76 1.49 -18.48
N LYS D 65 42.98 0.24 -18.81
CA LYS D 65 43.54 -0.07 -20.15
C LYS D 65 42.37 0.06 -21.14
N ALA D 66 42.44 1.06 -22.02
CA ALA D 66 41.37 1.32 -22.99
C ALA D 66 41.88 1.09 -24.42
N THR D 67 41.24 0.19 -25.15
CA THR D 67 41.55 -0.09 -26.55
C THR D 67 40.53 0.60 -27.47
N HIS D 68 41.01 1.40 -28.42
CA HIS D 68 40.17 2.11 -29.39
C HIS D 68 40.21 1.43 -30.75
N ILE D 69 39.05 1.05 -31.26
CA ILE D 69 38.93 0.36 -32.56
C ILE D 69 38.10 1.21 -33.49
N LYS D 70 38.66 1.60 -34.64
CA LYS D 70 38.03 2.54 -35.56
C LYS D 70 37.81 1.85 -36.90
N LEU D 71 36.54 1.54 -37.21
CA LEU D 71 36.14 0.96 -38.48
C LEU D 71 35.97 2.05 -39.53
N PRO D 72 36.02 1.71 -40.84
CA PRO D 72 35.78 2.69 -41.88
C PRO D 72 34.29 2.97 -42.14
N ARG D 73 34.00 3.97 -42.97
CA ARG D 73 32.60 4.34 -43.30
C ARG D 73 31.96 3.28 -44.16
N THR D 74 32.75 2.49 -44.88
CA THR D 74 32.23 1.46 -45.79
C THR D 74 32.01 0.18 -45.00
N THR D 75 31.98 0.28 -43.68
CA THR D 75 31.75 -0.90 -42.83
C THR D 75 30.28 -1.33 -43.00
N THR D 76 30.02 -2.63 -43.00
CA THR D 76 28.66 -3.14 -43.08
C THR D 76 28.10 -3.36 -41.68
N GLU D 77 26.79 -3.55 -41.62
CA GLU D 77 26.18 -3.98 -40.37
C GLU D 77 26.78 -5.31 -39.91
N SER D 78 27.05 -6.21 -40.87
CA SER D 78 27.60 -7.53 -40.51
C SER D 78 28.98 -7.42 -39.87
N GLU D 79 29.80 -6.46 -40.31
CA GLU D 79 31.16 -6.41 -39.78
C GLU D 79 31.18 -5.88 -38.36
N VAL D 80 30.38 -4.84 -38.07
CA VAL D 80 30.28 -4.33 -36.70
C VAL D 80 29.74 -5.40 -35.76
N MET D 81 28.76 -6.19 -36.23
CA MET D 81 28.25 -7.28 -35.41
C MET D 81 29.31 -8.33 -35.14
N LYS D 82 30.25 -8.54 -36.07
CA LYS D 82 31.37 -9.43 -35.75
C LYS D 82 32.27 -8.79 -34.70
N TYR D 83 32.35 -7.46 -34.69
CA TYR D 83 33.21 -6.83 -33.70
C TYR D 83 32.57 -6.79 -32.32
N ILE D 84 31.28 -6.41 -32.26
CA ILE D 84 30.55 -6.40 -30.99
C ILE D 84 30.54 -7.80 -30.39
N THR D 85 30.26 -8.80 -31.22
CA THR D 85 30.26 -10.18 -30.74
C THR D 85 31.58 -10.52 -30.08
N SER D 86 32.68 -10.17 -30.73
CA SER D 86 34.02 -10.51 -30.21
C SER D 86 34.24 -9.82 -28.87
N LEU D 87 33.92 -8.54 -28.81
CA LEU D 87 34.09 -7.81 -27.55
C LEU D 87 33.24 -8.42 -26.43
N ASN D 88 32.02 -8.85 -26.75
CA ASN D 88 31.14 -9.48 -25.74
C ASN D 88 31.72 -10.76 -25.17
N GLU D 89 32.63 -11.41 -25.90
CA GLU D 89 33.16 -12.69 -25.47
C GLU D 89 34.60 -12.60 -25.00
N ASP D 90 35.21 -11.43 -25.19
CA ASP D 90 36.58 -11.19 -24.68
C ASP D 90 36.47 -10.92 -23.18
N SER D 91 36.66 -11.97 -22.38
CA SER D 91 36.61 -11.79 -20.94
C SER D 91 37.71 -10.87 -20.43
N THR D 92 38.61 -10.46 -21.32
CA THR D 92 39.60 -9.44 -20.92
C THR D 92 38.86 -8.10 -20.90
N VAL D 93 37.93 -7.90 -21.84
CA VAL D 93 37.16 -6.66 -21.92
C VAL D 93 36.05 -6.70 -20.87
N HIS D 94 36.07 -5.71 -19.95
CA HIS D 94 35.11 -5.62 -18.85
C HIS D 94 33.92 -4.73 -19.16
N GLY D 95 34.02 -3.87 -20.17
CA GLY D 95 32.92 -3.03 -20.57
C GLY D 95 33.31 -2.25 -21.81
N PHE D 96 32.36 -2.07 -22.72
CA PHE D 96 32.72 -1.43 -24.01
C PHE D 96 31.57 -0.55 -24.51
N LEU D 97 31.93 0.49 -25.24
CA LEU D 97 30.89 1.38 -25.80
C LEU D 97 31.10 1.60 -27.29
N VAL D 98 30.01 1.85 -28.01
CA VAL D 98 30.09 2.23 -29.43
C VAL D 98 29.82 3.74 -29.45
N GLN D 99 30.82 4.56 -29.76
CA GLN D 99 30.63 6.00 -29.84
C GLN D 99 29.59 6.34 -30.90
N LEU D 100 28.88 7.44 -30.69
CA LEU D 100 27.71 7.72 -31.49
C LEU D 100 27.78 9.11 -32.11
N PRO D 101 27.29 9.27 -33.34
CA PRO D 101 26.62 8.25 -34.18
C PRO D 101 27.52 7.44 -35.14
N LEU D 102 27.06 6.24 -35.50
CA LEU D 102 27.70 5.45 -36.54
C LEU D 102 27.79 6.25 -37.84
N ASP D 103 29.01 6.47 -38.31
CA ASP D 103 29.27 7.30 -39.50
C ASP D 103 29.59 6.34 -40.64
N SER D 104 28.55 5.94 -41.38
CA SER D 104 28.71 4.89 -42.37
C SER D 104 28.00 5.27 -43.67
N GLU D 105 28.67 4.98 -44.78
CA GLU D 105 28.04 5.07 -46.10
C GLU D 105 26.90 4.10 -46.24
N ASN D 106 26.89 3.03 -45.47
CA ASN D 106 25.86 2.01 -45.58
C ASN D 106 24.73 2.26 -44.58
N SER D 107 23.61 1.59 -44.83
CA SER D 107 22.49 1.59 -43.91
C SER D 107 22.84 0.67 -42.74
N ILE D 108 23.08 1.25 -41.56
CA ILE D 108 23.40 0.48 -40.36
C ILE D 108 22.39 0.85 -39.29
N ASN D 109 21.65 -0.15 -38.82
CA ASN D 109 20.67 0.04 -37.74
C ASN D 109 21.40 0.29 -36.43
N THR D 110 21.53 1.56 -36.04
CA THR D 110 22.19 1.88 -34.76
C THR D 110 21.49 1.16 -33.60
N GLU D 111 20.17 1.00 -33.69
CA GLU D 111 19.45 0.27 -32.66
C GLU D 111 19.95 -1.16 -32.57
N GLU D 112 20.00 -1.85 -33.70
CA GLU D 112 20.41 -3.25 -33.70
C GLU D 112 21.82 -3.41 -33.15
N VAL D 113 22.77 -2.57 -33.60
CA VAL D 113 24.14 -2.79 -33.13
C VAL D 113 24.23 -2.48 -31.65
N ILE D 114 23.53 -1.44 -31.19
CA ILE D 114 23.62 -1.11 -29.78
C ILE D 114 22.97 -2.19 -28.92
N ASN D 115 21.96 -2.88 -29.42
CA ASN D 115 21.27 -3.86 -28.59
C ASN D 115 21.87 -5.25 -28.68
N ALA D 116 22.95 -5.41 -29.45
CA ALA D 116 23.76 -6.61 -29.43
C ALA D 116 24.78 -6.59 -28.30
N ILE D 117 25.04 -5.43 -27.72
CA ILE D 117 25.98 -5.34 -26.60
C ILE D 117 25.44 -6.12 -25.43
N ALA D 118 26.33 -6.78 -24.70
CA ALA D 118 25.93 -7.44 -23.45
C ALA D 118 25.63 -6.37 -22.38
N PRO D 119 24.48 -6.44 -21.69
CA PRO D 119 24.19 -5.40 -20.69
C PRO D 119 25.19 -5.33 -19.55
N GLU D 120 25.79 -6.46 -19.15
CA GLU D 120 26.85 -6.45 -18.14
C GLU D 120 28.06 -5.63 -18.56
N LYS D 121 28.29 -5.45 -19.87
CA LYS D 121 29.40 -4.66 -20.38
C LYS D 121 28.99 -3.29 -20.92
N ASP D 122 27.69 -2.98 -20.91
CA ASP D 122 27.12 -1.77 -21.51
C ASP D 122 27.37 -0.52 -20.65
N VAL D 123 28.64 -0.23 -20.38
CA VAL D 123 28.98 0.88 -19.48
C VAL D 123 28.46 2.21 -19.96
N ASP D 124 27.99 2.31 -21.21
CA ASP D 124 27.40 3.55 -21.66
C ASP D 124 25.90 3.59 -21.44
N GLY D 125 25.26 2.42 -21.29
CA GLY D 125 23.88 2.38 -20.85
C GLY D 125 22.87 2.64 -21.94
N LEU D 126 23.19 2.28 -23.18
CA LEU D 126 22.29 2.49 -24.30
C LEU D 126 21.51 1.25 -24.71
N THR D 127 21.74 0.10 -24.08
CA THR D 127 20.93 -1.07 -24.40
C THR D 127 19.50 -0.85 -23.92
N SER D 128 18.54 -1.34 -24.72
CA SER D 128 17.15 -1.29 -24.30
C SER D 128 16.97 -1.95 -22.93
N ILE D 129 17.66 -3.06 -22.70
CA ILE D 129 17.64 -3.71 -21.39
C ILE D 129 17.97 -2.70 -20.29
N ASN D 130 19.09 -2.01 -20.41
CA ASN D 130 19.49 -1.11 -19.34
C ASN D 130 18.60 0.11 -19.27
N ALA D 131 18.10 0.58 -20.41
CA ALA D 131 17.20 1.73 -20.38
C ALA D 131 15.85 1.39 -19.76
N GLY D 132 15.39 0.15 -19.92
CA GLY D 132 14.15 -0.26 -19.27
C GLY D 132 14.27 -0.31 -17.76
N ARG D 133 15.42 -0.78 -17.27
CA ARG D 133 15.61 -0.86 -15.83
C ARG D 133 15.62 0.53 -15.22
N LEU D 134 16.26 1.50 -15.88
CA LEU D 134 16.28 2.84 -15.35
C LEU D 134 14.89 3.47 -15.38
N ALA D 135 14.14 3.24 -16.46
CA ALA D 135 12.85 3.86 -16.72
C ALA D 135 11.72 3.23 -15.89
N ARG D 136 12.04 2.25 -15.07
CA ARG D 136 11.05 1.59 -14.23
C ARG D 136 11.58 1.53 -12.81
N GLY D 137 12.63 2.31 -12.52
CA GLY D 137 13.14 2.50 -11.18
C GLY D 137 14.10 1.45 -10.64
N ASP D 138 14.52 0.50 -11.47
CA ASP D 138 15.38 -0.60 -11.00
C ASP D 138 16.85 -0.22 -11.16
N LEU D 139 17.25 0.82 -10.42
CA LEU D 139 18.52 1.49 -10.61
C LEU D 139 19.72 0.72 -10.07
N ASN D 140 19.52 -0.37 -9.34
CA ASN D 140 20.62 -1.05 -8.68
C ASN D 140 21.20 -2.17 -9.53
N ASP D 141 20.58 -2.48 -10.67
CA ASP D 141 21.10 -3.51 -11.55
C ASP D 141 21.24 -2.99 -12.97
N CYS D 142 21.56 -1.71 -13.13
CA CYS D 142 21.70 -1.18 -14.47
C CYS D 142 22.87 -0.22 -14.54
N PHE D 143 23.31 0.04 -15.77
CA PHE D 143 24.26 1.10 -16.05
C PHE D 143 23.48 2.37 -16.37
N ILE D 144 23.83 3.47 -15.71
CA ILE D 144 23.21 4.77 -16.00
C ILE D 144 24.06 5.51 -17.03
N PRO D 145 23.44 6.07 -18.08
CA PRO D 145 24.18 6.83 -19.07
C PRO D 145 25.03 7.92 -18.42
N CYS D 146 26.22 8.12 -18.99
CA CYS D 146 27.28 8.81 -18.27
C CYS D 146 27.02 10.29 -18.15
N THR D 147 26.34 10.89 -19.11
CA THR D 147 26.02 12.31 -18.94
C THR D 147 25.02 12.52 -17.81
N PRO D 148 23.88 11.80 -17.77
CA PRO D 148 22.98 11.95 -16.62
C PRO D 148 23.68 11.67 -15.30
N LYS D 149 24.42 10.56 -15.23
CA LYS D 149 25.16 10.25 -14.01
C LYS D 149 25.96 11.46 -13.54
N GLY D 150 26.67 12.09 -14.47
CA GLY D 150 27.50 13.23 -14.10
C GLY D 150 26.71 14.45 -13.71
N CYS D 151 25.60 14.69 -14.42
CA CYS D 151 24.73 15.80 -14.04
C CYS D 151 24.20 15.63 -12.62
N LEU D 152 23.67 14.44 -12.30
CA LEU D 152 23.25 14.14 -10.94
C LEU D 152 24.35 14.43 -9.94
N GLU D 153 25.57 13.97 -10.22
CA GLU D 153 26.68 14.24 -9.32
C GLU D 153 26.94 15.72 -9.20
N LEU D 154 26.73 16.48 -10.29
CA LEU D 154 26.83 17.93 -10.22
C LEU D 154 25.74 18.50 -9.34
N ILE D 155 24.48 18.11 -9.58
CA ILE D 155 23.35 18.59 -8.79
C ILE D 155 23.56 18.26 -7.31
N LYS D 156 24.03 17.05 -7.03
CA LYS D 156 24.30 16.60 -5.67
C LYS D 156 25.43 17.38 -5.02
N GLU D 157 26.29 17.99 -5.82
CA GLU D 157 27.36 18.80 -5.25
C GLU D 157 26.84 20.08 -4.64
N THR D 158 25.67 20.55 -5.06
CA THR D 158 25.13 21.82 -4.57
C THR D 158 24.75 21.75 -3.09
N GLY D 159 24.64 20.56 -2.52
CA GLY D 159 24.15 20.43 -1.18
C GLY D 159 22.67 20.66 -1.02
N VAL D 160 21.92 20.74 -2.12
CA VAL D 160 20.47 20.91 -2.10
C VAL D 160 19.83 19.53 -2.28
N PRO D 161 19.05 19.04 -1.31
CA PRO D 161 18.33 17.78 -1.54
C PRO D 161 17.42 17.88 -2.75
N ILE D 162 17.48 16.85 -3.61
CA ILE D 162 16.63 16.80 -4.78
C ILE D 162 15.18 16.55 -4.39
N ALA D 163 14.98 15.72 -3.36
CA ALA D 163 13.65 15.19 -3.06
C ALA D 163 12.58 16.28 -3.03
N GLY D 164 11.51 16.05 -3.78
CA GLY D 164 10.38 16.96 -3.79
C GLY D 164 10.50 18.18 -4.66
N ARG D 165 11.68 18.45 -5.21
CA ARG D 165 11.88 19.61 -6.07
C ARG D 165 11.18 19.40 -7.39
N HIS D 166 10.80 20.50 -8.04
CA HIS D 166 10.31 20.40 -9.41
C HIS D 166 11.50 20.57 -10.36
N ALA D 167 11.73 19.58 -11.22
CA ALA D 167 12.85 19.58 -12.14
C ALA D 167 12.34 19.68 -13.57
N VAL D 168 13.07 20.40 -14.42
CA VAL D 168 12.72 20.56 -15.82
C VAL D 168 13.89 20.07 -16.67
N VAL D 169 13.64 19.06 -17.49
CA VAL D 169 14.64 18.53 -18.41
C VAL D 169 14.17 18.92 -19.80
N VAL D 170 15.01 19.61 -20.56
CA VAL D 170 14.68 20.04 -21.92
C VAL D 170 15.46 19.17 -22.87
N GLY D 171 14.74 18.46 -23.74
CA GLY D 171 15.35 17.50 -24.63
C GLY D 171 15.16 16.08 -24.11
N ARG D 172 14.82 15.16 -25.00
CA ARG D 172 14.43 13.81 -24.64
C ARG D 172 15.31 12.77 -25.32
N SER D 173 16.54 13.16 -25.67
CA SER D 173 17.37 12.28 -26.49
C SER D 173 17.78 11.04 -25.71
N LYS D 174 18.08 9.96 -26.41
CA LYS D 174 18.38 8.65 -25.75
C LYS D 174 19.66 8.68 -24.91
N ILE D 175 20.61 9.53 -25.25
CA ILE D 175 21.84 9.48 -24.47
C ILE D 175 21.86 10.49 -23.32
N VAL D 176 21.10 11.58 -23.40
CA VAL D 176 21.19 12.62 -22.38
C VAL D 176 19.85 12.95 -21.72
N GLY D 177 18.84 13.32 -22.50
CA GLY D 177 17.61 13.82 -21.94
C GLY D 177 16.71 12.78 -21.29
N ALA D 178 16.23 11.84 -22.10
CA ALA D 178 15.31 10.80 -21.62
C ALA D 178 15.84 10.06 -20.40
N PRO D 179 17.09 9.59 -20.34
CA PRO D 179 17.58 9.03 -19.09
C PRO D 179 17.78 10.06 -17.99
N MET D 180 17.83 11.35 -18.32
CA MET D 180 18.00 12.33 -17.25
C MET D 180 16.70 12.51 -16.48
N HIS D 181 15.58 12.49 -17.19
CA HIS D 181 14.28 12.51 -16.53
C HIS D 181 14.15 11.31 -15.60
N ASP D 182 14.51 10.12 -16.08
CA ASP D 182 14.39 8.95 -15.23
C ASP D 182 15.26 9.08 -14.00
N LEU D 183 16.48 9.56 -14.18
CA LEU D 183 17.39 9.65 -13.04
C LEU D 183 16.82 10.56 -11.98
N LEU D 184 16.28 11.71 -12.38
CA LEU D 184 15.75 12.66 -11.40
C LEU D 184 14.46 12.14 -10.79
N LEU D 185 13.57 11.64 -11.63
CA LEU D 185 12.30 11.11 -11.16
C LEU D 185 12.49 10.10 -10.03
N TRP D 186 13.43 9.17 -10.19
CA TRP D 186 13.65 8.15 -9.17
C TRP D 186 14.56 8.65 -8.06
N ASN D 187 14.95 9.93 -8.10
CA ASN D 187 15.50 10.60 -6.96
C ASN D 187 14.45 11.43 -6.23
N ASN D 188 13.19 11.26 -6.63
CA ASN D 188 11.99 11.81 -6.04
C ASN D 188 11.73 13.26 -6.40
N ALA D 189 12.49 13.83 -7.34
CA ALA D 189 12.04 15.06 -7.98
C ALA D 189 10.73 14.79 -8.73
N THR D 190 9.93 15.85 -8.91
CA THR D 190 8.77 15.84 -9.80
C THR D 190 9.22 16.46 -11.10
N VAL D 191 9.08 15.72 -12.21
CA VAL D 191 9.86 16.01 -13.40
C VAL D 191 8.97 16.39 -14.55
N THR D 192 9.28 17.53 -15.17
CA THR D 192 8.71 17.96 -16.45
C THR D 192 9.76 17.78 -17.54
N THR D 193 9.38 17.13 -18.63
CA THR D 193 10.26 16.98 -19.77
C THR D 193 9.73 17.87 -20.89
N CYS D 194 10.62 18.63 -21.51
CA CYS D 194 10.25 19.42 -22.68
C CYS D 194 11.04 18.91 -23.88
N HIS D 195 10.53 19.26 -25.05
CA HIS D 195 11.15 18.89 -26.31
C HIS D 195 10.83 19.98 -27.33
N SER D 196 10.97 19.65 -28.61
CA SER D 196 10.80 20.63 -29.67
C SER D 196 9.34 21.01 -29.91
N LYS D 197 8.36 20.30 -29.35
CA LYS D 197 6.97 20.67 -29.53
C LYS D 197 6.34 21.23 -28.25
N THR D 198 7.19 21.59 -27.30
CA THR D 198 6.78 22.26 -26.06
C THR D 198 6.39 23.70 -26.35
N ALA D 199 5.12 24.04 -26.19
CA ALA D 199 4.68 25.42 -26.29
C ALA D 199 5.07 26.17 -25.02
N HIS D 200 5.26 27.48 -25.18
CA HIS D 200 5.62 28.39 -24.09
C HIS D 200 6.80 27.84 -23.28
N LEU D 201 7.83 27.39 -24.01
CA LEU D 201 9.00 26.81 -23.36
C LEU D 201 9.67 27.79 -22.40
N ASP D 202 9.45 29.09 -22.58
CA ASP D 202 9.84 30.07 -21.58
C ASP D 202 9.16 29.79 -20.24
N GLU D 203 7.83 29.75 -20.22
CA GLU D 203 7.12 29.57 -18.97
C GLU D 203 7.50 28.23 -18.31
N GLU D 204 7.59 27.16 -19.10
CA GLU D 204 7.89 25.84 -18.56
C GLU D 204 9.21 25.83 -17.81
N VAL D 205 10.22 26.52 -18.35
CA VAL D 205 11.52 26.56 -17.72
C VAL D 205 11.48 27.34 -16.41
N ASN D 206 10.56 28.31 -16.28
CA ASN D 206 10.50 29.12 -15.08
C ASN D 206 10.05 28.34 -13.84
N LYS D 207 9.48 27.16 -14.02
CA LYS D 207 8.98 26.38 -12.89
C LYS D 207 9.98 25.36 -12.36
N GLY D 208 11.24 25.43 -12.82
CA GLY D 208 12.22 24.42 -12.47
C GLY D 208 13.16 24.78 -11.34
N ASP D 209 12.93 24.22 -10.15
CA ASP D 209 13.92 24.29 -9.08
C ASP D 209 15.26 23.81 -9.60
N ILE D 210 15.24 22.69 -10.32
CA ILE D 210 16.38 22.14 -11.04
C ILE D 210 16.06 22.25 -12.51
N LEU D 211 17.02 22.77 -13.28
CA LEU D 211 16.90 22.82 -14.73
C LEU D 211 18.13 22.14 -15.32
N VAL D 212 17.87 21.17 -16.21
CA VAL D 212 18.96 20.50 -16.97
C VAL D 212 18.59 20.64 -18.46
N VAL D 213 19.46 21.24 -19.27
CA VAL D 213 19.13 21.51 -20.70
C VAL D 213 20.07 20.75 -21.63
N ALA D 214 19.51 20.04 -22.60
CA ALA D 214 20.40 19.39 -23.58
C ALA D 214 19.64 19.35 -24.92
N THR D 215 19.75 20.45 -25.66
CA THR D 215 19.04 20.61 -26.93
C THR D 215 19.95 20.55 -28.15
N GLY D 216 21.23 20.91 -27.99
CA GLY D 216 22.06 21.16 -29.14
C GLY D 216 21.79 22.49 -29.80
N GLN D 217 21.14 23.41 -29.11
CA GLN D 217 20.83 24.73 -29.68
C GLN D 217 21.58 25.80 -28.89
N PRO D 218 22.63 26.38 -29.45
CA PRO D 218 23.48 27.31 -28.70
C PRO D 218 22.72 28.42 -27.96
N GLU D 219 22.85 28.40 -26.63
CA GLU D 219 22.46 29.50 -25.73
C GLU D 219 21.03 29.99 -25.98
N MET D 220 20.11 29.06 -26.22
CA MET D 220 18.75 29.46 -26.52
C MET D 220 17.91 29.65 -25.27
N VAL D 221 18.20 28.92 -24.20
CA VAL D 221 17.50 29.09 -22.93
C VAL D 221 18.04 30.35 -22.25
N LYS D 222 17.17 31.30 -21.95
CA LYS D 222 17.56 32.64 -21.54
C LYS D 222 17.59 32.81 -20.03
N GLY D 223 18.49 33.69 -19.57
CA GLY D 223 18.53 34.05 -18.16
C GLY D 223 17.20 34.58 -17.64
N GLU D 224 16.46 35.33 -18.47
CA GLU D 224 15.16 35.80 -18.01
C GLU D 224 14.17 34.65 -17.79
N TRP D 225 14.44 33.47 -18.32
CA TRP D 225 13.56 32.32 -18.15
C TRP D 225 13.80 31.58 -16.85
N ILE D 226 15.04 31.59 -16.36
CA ILE D 226 15.43 30.75 -15.24
C ILE D 226 14.76 31.22 -13.95
N LYS D 227 14.19 30.28 -13.21
CA LYS D 227 13.60 30.61 -11.92
C LYS D 227 14.69 31.13 -10.98
N PRO D 228 14.44 32.22 -10.27
CA PRO D 228 15.42 32.71 -9.30
C PRO D 228 15.83 31.60 -8.34
N GLY D 229 17.14 31.39 -8.22
CA GLY D 229 17.66 30.38 -7.32
C GLY D 229 17.84 29.01 -7.92
N ALA D 230 17.47 28.83 -9.20
CA ALA D 230 17.52 27.52 -9.84
C ALA D 230 18.93 26.93 -9.82
N ILE D 231 18.97 25.61 -9.91
CA ILE D 231 20.20 24.89 -10.18
C ILE D 231 20.18 24.61 -11.68
N VAL D 232 21.14 25.17 -12.42
CA VAL D 232 21.13 25.11 -13.88
C VAL D 232 22.29 24.25 -14.35
N ILE D 233 21.96 23.14 -15.01
CA ILE D 233 22.94 22.19 -15.52
C ILE D 233 22.85 22.24 -17.03
N ASP D 234 23.92 22.77 -17.67
CA ASP D 234 23.98 22.94 -19.11
C ASP D 234 24.84 21.82 -19.70
N CYS D 235 24.21 20.95 -20.47
CA CYS D 235 24.93 19.86 -21.12
C CYS D 235 25.48 20.25 -22.48
N GLY D 236 25.17 21.45 -22.98
CA GLY D 236 25.41 21.75 -24.38
C GLY D 236 26.89 21.92 -24.69
N ILE D 237 27.28 21.42 -25.87
CA ILE D 237 28.61 21.61 -26.46
C ILE D 237 28.35 22.06 -27.89
N ASN D 238 28.47 23.35 -28.16
CA ASN D 238 28.20 23.87 -29.49
C ASN D 238 29.36 24.70 -30.01
N TYR D 239 29.75 24.45 -31.26
CA TYR D 239 30.88 25.12 -31.90
C TYR D 239 30.34 26.25 -32.76
N VAL D 240 30.79 27.48 -32.47
CA VAL D 240 30.22 28.64 -33.15
C VAL D 240 31.28 29.56 -33.76
N LYS D 250 34.95 29.10 -30.75
CA LYS D 250 34.13 29.33 -29.57
C LYS D 250 33.22 28.13 -29.30
N VAL D 251 33.24 27.63 -28.07
CA VAL D 251 32.39 26.51 -27.68
C VAL D 251 31.45 26.99 -26.58
N VAL D 252 30.17 27.10 -26.92
CA VAL D 252 29.17 27.52 -25.94
C VAL D 252 28.21 26.39 -25.65
N GLY D 253 27.31 26.60 -24.69
CA GLY D 253 26.29 25.65 -24.35
C GLY D 253 24.90 26.13 -24.72
N ASP D 254 23.89 25.41 -24.21
CA ASP D 254 22.50 25.64 -24.55
C ASP D 254 21.80 26.63 -23.63
N VAL D 255 22.50 27.17 -22.63
CA VAL D 255 21.96 28.19 -21.74
C VAL D 255 22.80 29.45 -21.88
N ALA D 256 22.11 30.62 -21.87
CA ALA D 256 22.74 31.94 -21.95
C ALA D 256 23.47 32.21 -20.63
N TYR D 257 24.71 31.73 -20.58
CA TYR D 257 25.46 31.70 -19.33
C TYR D 257 25.66 33.09 -18.73
N ASP D 258 25.72 34.11 -19.59
CA ASP D 258 25.84 35.49 -19.11
C ASP D 258 24.72 35.82 -18.14
N GLU D 259 23.49 35.82 -18.65
CA GLU D 259 22.34 36.29 -17.89
C GLU D 259 21.94 35.29 -16.81
N ALA D 260 22.13 34.00 -17.07
CA ALA D 260 21.78 32.99 -16.09
C ALA D 260 22.59 33.15 -14.81
N LYS D 261 23.86 33.53 -14.93
CA LYS D 261 24.70 33.67 -13.74
C LYS D 261 24.14 34.70 -12.76
N GLU D 262 23.26 35.60 -13.22
CA GLU D 262 22.57 36.54 -12.34
C GLU D 262 21.36 35.93 -11.65
N ARG D 263 20.78 34.85 -12.18
CA ARG D 263 19.56 34.27 -11.64
C ARG D 263 19.78 32.99 -10.85
N ALA D 264 20.63 32.09 -11.33
CA ALA D 264 20.74 30.81 -10.66
C ALA D 264 21.49 30.94 -9.35
N SER D 265 21.36 29.91 -8.53
CA SER D 265 22.22 29.79 -7.36
C SER D 265 23.45 28.95 -7.65
N PHE D 266 23.37 28.05 -8.62
CA PHE D 266 24.46 27.20 -9.05
C PHE D 266 24.34 27.03 -10.55
N ILE D 267 25.48 26.97 -11.24
CA ILE D 267 25.46 26.97 -12.70
C ILE D 267 26.73 26.30 -13.22
N THR D 268 26.55 25.53 -14.28
CA THR D 268 27.66 24.77 -14.88
C THR D 268 28.32 25.60 -15.98
N PRO D 269 29.64 25.85 -15.91
CA PRO D 269 30.33 26.55 -16.96
C PRO D 269 30.43 25.64 -18.18
N VAL D 270 30.47 26.23 -19.36
CA VAL D 270 30.60 25.46 -20.63
C VAL D 270 31.65 26.17 -21.49
N PRO D 271 32.84 25.58 -21.71
CA PRO D 271 33.19 24.26 -21.15
C PRO D 271 33.67 24.24 -19.69
N GLY D 272 34.12 23.08 -19.20
CA GLY D 272 34.55 22.89 -17.83
C GLY D 272 33.48 22.45 -16.84
N GLY D 273 32.31 22.00 -17.32
CA GLY D 273 31.22 21.57 -16.46
C GLY D 273 30.79 20.12 -16.61
N VAL D 274 29.72 19.91 -17.38
CA VAL D 274 29.21 18.56 -17.62
C VAL D 274 30.25 17.71 -18.34
N GLY D 275 30.92 18.31 -19.34
CA GLY D 275 31.84 17.60 -20.21
C GLY D 275 32.85 16.74 -19.47
N PRO D 276 33.60 17.34 -18.53
CA PRO D 276 34.50 16.53 -17.71
C PRO D 276 33.78 15.50 -16.83
N MET D 277 32.59 15.85 -16.33
CA MET D 277 31.81 14.94 -15.49
C MET D 277 31.44 13.67 -16.26
N THR D 278 31.04 13.83 -17.52
CA THR D 278 30.64 12.70 -18.36
C THR D 278 31.75 11.67 -18.50
N VAL D 279 32.98 12.12 -18.75
CA VAL D 279 34.08 11.17 -18.96
C VAL D 279 34.46 10.49 -17.65
N ALA D 280 34.56 11.27 -16.57
CA ALA D 280 34.89 10.69 -15.27
C ALA D 280 33.85 9.64 -14.86
N MET D 281 32.58 9.91 -15.15
CA MET D 281 31.52 8.93 -14.89
C MET D 281 31.72 7.66 -15.69
N LEU D 282 32.08 7.78 -16.98
CA LEU D 282 32.37 6.59 -17.78
C LEU D 282 33.51 5.79 -17.20
N MET D 283 34.49 6.48 -16.60
CA MET D 283 35.58 5.79 -15.93
C MET D 283 35.07 5.03 -14.70
N GLN D 284 34.19 5.66 -13.91
CA GLN D 284 33.61 4.98 -12.75
C GLN D 284 32.85 3.72 -13.15
N SER D 285 32.03 3.83 -14.19
CA SER D 285 31.23 2.68 -14.60
C SER D 285 32.10 1.53 -15.10
N THR D 286 33.27 1.85 -15.69
CA THR D 286 34.25 0.82 -16.06
C THR D 286 34.89 0.19 -14.84
N VAL D 287 35.30 1.01 -13.87
CA VAL D 287 35.85 0.47 -12.64
C VAL D 287 34.85 -0.50 -12.01
N GLU D 288 33.57 -0.10 -12.00
CA GLU D 288 32.54 -0.89 -11.35
C GLU D 288 32.33 -2.22 -12.07
N SER D 289 32.24 -2.19 -13.40
CA SER D 289 32.02 -3.43 -14.13
C SER D 289 33.20 -4.37 -14.01
N ALA D 290 34.37 -3.86 -13.62
CA ALA D 290 35.52 -4.72 -13.32
C ALA D 290 35.42 -5.32 -11.92
N LYS D 291 34.84 -4.60 -10.96
CA LYS D 291 34.63 -5.18 -9.64
C LYS D 291 33.51 -6.22 -9.68
N ARG D 292 32.42 -5.92 -10.40
CA ARG D 292 31.35 -6.90 -10.59
C ARG D 292 31.86 -8.16 -11.27
N PHE D 293 32.92 -8.04 -12.07
CA PHE D 293 33.44 -9.19 -12.81
C PHE D 293 34.33 -10.06 -11.93
N LEU D 294 35.09 -9.45 -11.03
CA LEU D 294 36.13 -10.11 -10.25
C LEU D 294 35.61 -11.21 -9.33
N GLU D 295 34.30 -11.48 -9.38
CA GLU D 295 33.68 -12.38 -8.42
C GLU D 295 32.71 -13.38 -9.06
C10 A1L24 E . -27.96 9.94 23.90
C13 A1L24 E . -29.09 9.56 23.21
C15 A1L24 E . -29.50 11.84 22.62
C17 A1L24 E . -27.58 11.26 23.91
C21 A1L24 E . -30.45 15.21 21.01
C22 A1L24 E . -29.53 16.04 20.12
C26 A1L24 E . -30.07 16.21 23.25
C02 A1L24 E . -27.02 2.85 26.21
C04 A1L24 E . -26.52 4.94 26.95
C05 A1L24 E . -26.56 5.40 25.66
C06 A1L24 E . -26.84 4.51 24.62
C08 A1L24 E . -27.39 7.57 24.80
C14 A1L24 E . -29.87 10.52 22.58
C16 A1L24 E . -28.34 12.22 23.28
C18 A1L24 E . -30.33 12.91 21.92
C23 A1L24 E . -31.05 16.08 22.10
C27 A1L24 E . -30.40 17.39 24.16
N01 A1L24 E . -27.06 3.25 24.95
N03 A1L24 E . -26.76 3.68 27.21
N07 A1L24 E . -26.32 6.78 25.35
N09 A1L24 E . -27.09 8.96 24.52
N11 A1L24 E . -26.23 5.90 28.02
N20 A1L24 E . -29.70 14.19 21.69
N28 A1L24 E . -30.38 17.39 25.54
N29 A1L24 E . -30.72 18.63 25.95
N30 A1L24 E . -30.96 19.38 24.89
N31 A1L24 E . -30.78 18.65 23.77
N34 A1L24 E . -27.25 1.44 26.50
O12 A1L24 E . -28.46 7.09 24.64
O19 A1L24 E . -31.43 12.69 21.54
O24 A1L24 E . -28.30 16.10 20.43
O25 A1L24 E . -30.00 16.66 19.11
O33 A1L24 E . -26.90 4.88 23.48
CL32 A1L24 E . -26.08 11.73 24.77
PA NAP F . -16.64 8.54 29.25
O1A NAP F . -16.78 7.14 29.74
O2A NAP F . -16.37 9.60 30.26
O5B NAP F . -15.53 8.59 28.10
C5B NAP F . -14.69 9.77 28.00
C4B NAP F . -13.45 9.40 27.24
O4B NAP F . -12.68 10.59 26.91
C3B NAP F . -12.47 8.45 27.96
O3B NAP F . -12.24 7.28 27.19
C2B NAP F . -11.22 9.30 28.15
O2B NAP F . -10.04 8.51 28.09
C1B NAP F . -11.32 10.22 26.94
N9A NAP F . -10.50 11.43 27.01
C8A NAP F . -9.57 11.82 26.08
N7A NAP F . -8.96 12.93 26.40
C5A NAP F . -9.53 13.29 27.61
C6A NAP F . -9.30 14.40 28.46
N6A NAP F . -8.41 15.36 28.21
N1A NAP F . -10.04 14.46 29.60
C2A NAP F . -10.93 13.49 29.84
N3A NAP F . -11.22 12.42 29.11
C4A NAP F . -10.47 12.37 28.00
O3 NAP F . -17.96 8.93 28.43
PN NAP F . -18.47 8.69 26.93
O1N NAP F . -17.29 8.54 26.03
O2N NAP F . -19.50 7.61 26.93
O5D NAP F . -19.17 10.09 26.63
C5D NAP F . -18.38 11.20 26.16
C4D NAP F . -19.31 12.29 25.67
O4D NAP F . -20.14 11.75 24.62
C3D NAP F . -20.27 12.88 26.71
O3D NAP F . -20.39 14.29 26.60
C2D NAP F . -21.60 12.19 26.36
O2D NAP F . -22.72 12.95 26.77
C1D NAP F . -21.49 12.16 24.85
N1N NAP F . -22.41 11.16 24.23
C2N NAP F . -23.46 11.59 23.50
C3N NAP F . -24.01 10.74 22.55
C7N NAP F . -24.75 11.33 21.39
O7N NAP F . -24.38 12.41 20.92
N7N NAP F . -25.79 10.67 20.92
C4N NAP F . -23.84 9.38 22.74
C5N NAP F . -23.03 8.94 23.76
C6N NAP F . -22.21 9.84 24.39
P2B NAP F . -9.84 7.62 29.42
O1X NAP F . -10.62 8.27 30.53
O2X NAP F . -10.35 6.25 29.10
O3X NAP F . -8.36 7.62 29.71
C10 A1L24 G . 4.96 -18.57 15.62
C13 A1L24 G . 5.25 -19.40 16.70
C15 A1L24 G . 7.61 -19.20 16.25
C17 A1L24 G . 5.99 -18.02 14.90
C21 A1L24 G . 11.47 -18.66 16.32
C22 A1L24 G . 12.09 -17.29 16.02
C26 A1L24 G . 11.60 -19.52 13.95
C02 A1L24 G . -2.38 -19.95 16.07
C04 A1L24 G . -0.89 -19.43 14.40
C05 A1L24 G . -0.08 -18.85 15.35
C06 A1L24 G . -0.48 -18.83 16.67
C08 A1L24 G . 2.37 -18.86 15.52
C14 A1L24 G . 6.57 -19.72 17.00
C16 A1L24 G . 7.32 -18.34 15.21
C18 A1L24 G . 9.08 -19.49 16.59
C23 A1L24 G . 12.04 -19.73 15.40
C27 A1L24 G . 12.71 -19.89 12.98
N01 A1L24 G . -1.62 -19.39 16.99
N03 A1L24 G . -2.04 -19.98 14.78
N07 A1L24 G . 1.17 -18.18 15.10
N09 A1L24 G . 3.61 -18.16 15.28
N11 A1L24 G . -0.49 -19.45 13.00
N20 A1L24 G . 10.05 -18.55 16.07
N28 A1L24 G . 14.05 -19.92 13.24
N29 A1L24 G . 14.69 -20.29 12.12
N30 A1L24 G . 13.79 -20.49 11.17
N31 A1L24 G . 12.56 -20.25 11.66
N34 A1L24 G . -3.62 -20.54 16.54
O12 A1L24 G . 2.31 -19.95 15.98
O19 A1L24 G . 9.42 -20.39 17.31
O24 A1L24 G . 13.22 -16.95 16.50
O25 A1L24 G . 11.48 -16.48 15.28
O33 A1L24 G . 0.19 -18.30 17.49
CL32 A1L24 G . 5.55 -16.93 13.55
PA NAP H . -1.74 -11.29 7.81
O1A NAP H . -3.10 -11.83 8.10
O2A NAP H . -1.24 -11.36 6.41
O5B NAP H . -1.65 -9.78 8.33
C5B NAP H . -0.84 -8.85 7.59
C4B NAP H . -1.23 -7.45 8.00
O4B NAP H . -0.28 -6.51 7.46
C3B NAP H . -2.62 -6.98 7.52
O3B NAP H . -3.29 -6.25 8.55
C2B NAP H . -2.30 -6.11 6.33
O2B NAP H . -3.25 -5.05 6.21
C1B NAP H . -0.95 -5.53 6.71
N9A NAP H . -0.13 -5.19 5.55
C8A NAP H . 0.20 -6.02 4.51
N7A NAP H . 0.94 -5.44 3.60
C5A NAP H . 1.12 -4.15 4.07
C6A NAP H . 1.81 -3.05 3.55
N6A NAP H . 2.48 -3.07 2.41
N1A NAP H . 1.78 -1.90 4.26
C2A NAP H . 1.10 -1.89 5.43
N3A NAP H . 0.41 -2.86 6.00
C4A NAP H . 0.46 -3.99 5.28
O3 NAP H . -0.69 -12.00 8.80
PN NAP H . -0.30 -11.84 10.35
O1N NAP H . -0.95 -12.95 11.11
O2N NAP H . -0.54 -10.43 10.79
O5D NAP H . 1.27 -12.10 10.26
C5D NAP H . 2.11 -11.02 9.78
C4D NAP H . 3.53 -11.31 10.17
O4D NAP H . 3.60 -11.47 11.61
C3D NAP H . 4.14 -12.59 9.55
O3D NAP H . 5.49 -12.39 9.13
C2D NAP H . 4.04 -13.59 10.71
O2D NAP H . 5.03 -14.60 10.64
C1D NAP H . 4.25 -12.69 11.93
N1N NAP H . 3.66 -13.26 13.17
C2N NAP H . 4.19 -12.93 14.39
C3N NAP H . 4.37 -14.05 15.18
C7N NAP H . 5.70 -14.25 15.84
O7N NAP H . 6.68 -13.69 15.35
N7N NAP H . 5.76 -15.02 16.91
C4N NAP H . 3.32 -14.95 15.25
C5N NAP H . 2.44 -15.00 14.19
C6N NAP H . 2.65 -14.15 13.13
P2B NAP H . -4.62 -5.53 5.52
O1X NAP H . -5.18 -4.32 4.82
O2X NAP H . -4.28 -6.64 4.57
O3X NAP H . -5.53 -6.00 6.64
C10 A1L24 I . -7.62 -4.70 -14.37
C13 A1L24 I . -8.08 -5.38 -15.49
C15 A1L24 I . -10.28 -4.56 -15.06
C17 A1L24 I . -8.50 -3.92 -13.62
C21 A1L24 I . -13.81 -3.06 -15.17
C22 A1L24 I . -14.20 -1.61 -15.18
C26 A1L24 I . -14.01 -3.30 -12.66
C02 A1L24 I . -0.84 -7.77 -15.42
C04 A1L24 I . -2.09 -6.98 -13.66
C05 A1L24 I . -2.79 -6.18 -14.54
C06 A1L24 I . -2.46 -6.20 -15.92
C08 A1L24 I . -5.18 -5.50 -14.49
C14 A1L24 I . -9.42 -5.33 -15.82
C16 A1L24 I . -9.82 -3.86 -13.97
C18 A1L24 I . -11.77 -4.41 -15.35
C23 A1L24 I . -14.50 -3.78 -14.03
C27 A1L24 I . -14.94 -3.91 -11.63
N01 A1L24 I . -1.49 -7.01 -16.29
N03 A1L24 I . -1.11 -7.77 -14.12
N07 A1L24 I . -3.83 -5.31 -14.01
N09 A1L24 I . -6.22 -4.68 -13.96
N11 A1L24 I . -2.44 -6.93 -12.25
N20 A1L24 I . -12.39 -3.18 -14.92
N28 A1L24 I . -16.29 -3.76 -11.57
N29 A1L24 I . -16.76 -4.46 -10.52
N30 A1L24 I . -15.73 -5.04 -9.94
N31 A1L24 I . -14.59 -4.73 -10.59
N34 A1L24 I . 0.22 -8.64 -15.93
O12 A1L24 I . -5.37 -6.34 -15.30
O19 A1L24 I . -12.41 -5.25 -15.90
O24 A1L24 I . -15.34 -1.26 -15.59
O25 A1L24 I . -13.37 -0.75 -14.80
O33 A1L24 I . -3.03 -5.54 -16.73
CL32 A1L24 I . -7.91 -3.00 -12.21
PA NAP J . 0.93 1.11 -7.58
O1A NAP J . 1.90 0.14 -8.19
O2A NAP J . 0.63 0.97 -6.13
O5B NAP J . 1.44 2.60 -7.86
C5B NAP J . 0.57 3.69 -7.47
C4B NAP J . 1.27 5.00 -7.76
O4B NAP J . 0.60 6.06 -7.05
C3B NAP J . 2.76 5.08 -7.34
O3B NAP J . 3.59 5.35 -8.46
C2B NAP J . 2.79 6.19 -6.29
O2B NAP J . 3.95 7.00 -6.39
C1B NAP J . 1.55 6.99 -6.61
N9A NAP J . 1.01 7.69 -5.45
C8A NAP J . 0.61 7.12 -4.28
N7A NAP J . 0.18 8.00 -3.41
C5A NAP J . 0.32 9.22 -4.04
C6A NAP J . 0.05 10.53 -3.62
N6A NAP J . -0.44 10.84 -2.43
N1A NAP J . 0.32 11.53 -4.50
C2A NAP J . 0.82 11.21 -5.70
N3A NAP J . 1.11 10.00 -6.20
C4A NAP J . 0.84 9.05 -5.30
O3 NAP J . -0.43 1.07 -8.42
PN NAP J . -0.84 1.05 -9.97
O1N NAP J . -0.23 2.23 -10.64
O2N NAP J . -0.54 -0.31 -10.52
O5D NAP J . -2.42 1.25 -9.88
C5D NAP J . -2.92 2.53 -9.41
C4D NAP J . -4.43 2.55 -9.55
O4D NAP J . -4.77 2.14 -10.89
C3D NAP J . -5.21 1.63 -8.62
O3D NAP J . -6.48 2.16 -8.25
C2D NAP J . -5.39 0.38 -9.48
O2D NAP J . -6.48 -0.42 -9.07
C1D NAP J . -5.66 1.04 -10.82
N1N NAP J . -5.37 0.11 -11.95
C2N NAP J . -6.39 -0.42 -12.66
C3N NAP J . -6.12 -0.75 -13.98
C7N NAP J . -7.25 -0.61 -14.96
O7N NAP J . -7.81 0.47 -15.10
N7N NAP J . -7.62 -1.70 -15.60
C4N NAP J . -4.84 -1.18 -14.30
C5N NAP J . -3.84 -1.00 -13.38
C6N NAP J . -4.10 -0.22 -12.27
P2B NAP J . 5.15 6.37 -5.53
O1X NAP J . 5.78 5.32 -6.42
O2X NAP J . 6.11 7.48 -5.18
O3X NAP J . 4.51 5.77 -4.30
C10 A1L24 K . 31.36 14.34 -25.06
C13 A1L24 K . 32.33 13.73 -24.29
C15 A1L24 K . 33.29 15.87 -23.87
C17 A1L24 K . 31.32 15.71 -25.19
C21 A1L24 K . 34.89 19.02 -22.37
C22 A1L24 K . 34.11 20.18 -21.75
C26 A1L24 K . 34.99 19.87 -24.77
C02 A1L24 K . 28.39 7.61 -26.69
C04 A1L24 K . 28.52 9.68 -27.63
C05 A1L24 K . 28.81 10.20 -26.38
C06 A1L24 K . 28.87 9.35 -25.28
C08 A1L24 K . 30.20 12.17 -25.72
C14 A1L24 K . 33.32 14.49 -23.70
C16 A1L24 K . 32.30 16.48 -24.61
C18 A1L24 K . 34.34 16.74 -23.22
C23 A1L24 K . 35.78 19.54 -23.50
C27 A1L24 K . 35.70 20.92 -25.62
N01 A1L24 K . 28.66 8.07 -25.48
N03 A1L24 K . 28.33 8.39 -27.75
N07 A1L24 K . 28.99 11.62 -26.27
N09 A1L24 K . 30.27 13.60 -25.64
N11 A1L24 K . 28.45 10.59 -28.75
N20 A1L24 K . 33.96 18.11 -22.99
N28 A1L24 K . 36.07 20.78 -26.92
N29 A1L24 K . 36.67 21.94 -27.30
N30 A1L24 K . 36.68 22.76 -26.28
N31 A1L24 K . 36.09 22.17 -25.22
N34 A1L24 K . 28.17 6.18 -26.86
O12 A1L24 K . 31.08 11.45 -25.38
O19 A1L24 K . 35.39 16.34 -22.86
O24 A1L24 K . 32.97 20.45 -22.21
O25 A1L24 K . 34.61 20.84 -20.80
O33 A1L24 K . 29.11 9.76 -24.17
CL32 A1L24 K . 30.01 16.44 -26.17
PA NAP L . 20.01 15.64 -29.70
O1A NAP L . 19.76 14.19 -29.89
O2A NAP L . 20.00 16.53 -30.90
O5B NAP L . 18.99 16.22 -28.61
C5B NAP L . 18.03 17.21 -29.03
C4B NAP L . 16.84 17.17 -28.11
O4B NAP L . 16.49 18.53 -27.74
C3B NAP L . 15.56 16.54 -28.68
O3B NAP L . 14.86 15.81 -27.69
C2B NAP L . 14.79 17.76 -29.17
O2B NAP L . 13.38 17.57 -29.12
C1B NAP L . 15.18 18.81 -28.13
N9A NAP L . 15.13 20.16 -28.65
C8A NAP L . 15.74 20.63 -29.78
N7A NAP L . 15.54 21.90 -30.00
C5A NAP L . 14.73 22.30 -28.94
C6A NAP L . 14.17 23.55 -28.61
N6A NAP L . 14.33 24.65 -29.32
N1A NAP L . 13.42 23.59 -27.48
C2A NAP L . 13.26 22.48 -26.76
N3A NAP L . 13.74 21.26 -26.99
C4A NAP L . 14.47 21.24 -28.10
O3 NAP L . 21.41 15.83 -28.93
PN NAP L . 21.95 15.32 -27.52
O1N NAP L . 20.81 15.29 -26.56
O2N NAP L . 22.72 14.05 -27.73
O5D NAP L . 22.95 16.50 -27.11
C5D NAP L . 22.37 17.74 -26.63
C4D NAP L . 23.48 18.68 -26.22
O4D NAP L . 24.26 18.06 -25.18
C3D NAP L . 24.47 19.09 -27.32
O3D NAP L . 24.82 20.46 -27.23
C2D NAP L . 25.65 18.16 -27.05
O2D NAP L . 26.88 18.70 -27.53
C1D NAP L . 25.64 18.12 -25.53
N1N NAP L . 26.32 16.92 -24.98
C2N NAP L . 27.45 17.06 -24.23
C3N NAP L . 27.87 16.01 -23.41
C7N NAP L . 28.86 16.31 -22.33
O7N NAP L . 28.70 17.29 -21.61
N7N NAP L . 29.90 15.48 -22.22
C4N NAP L . 27.36 14.74 -23.65
C5N NAP L . 26.37 14.57 -24.59
C6N NAP L . 25.83 15.68 -25.21
P2B NAP L . 12.88 16.63 -30.32
O1X NAP L . 11.43 16.95 -30.56
O2X NAP L . 13.75 16.98 -31.51
O3X NAP L . 13.08 15.20 -29.88
#